data_7QKD
#
_entry.id   7QKD
#
_cell.length_a   57.280
_cell.length_b   62.710
_cell.length_c   68.070
_cell.angle_alpha   105.536
_cell.angle_beta   93.388
_cell.angle_gamma   115.360
#
_symmetry.space_group_name_H-M   'P 1'
#
loop_
_entity.id
_entity.type
_entity.pdbx_description
1 polymer 'Cathepsin L'
2 non-polymer N-[(benzyloxy)carbonyl]-L-leucyl-N-[(2S)-1-hydroxy-4-methylpentan-2-yl]-L-leucinamide
3 non-polymer DI(HYDROXYETHYL)ETHER
4 non-polymer 'ACETATE ION'
5 water water
#
_entity_poly.entity_id   1
_entity_poly.type   'polypeptide(L)'
_entity_poly.pdbx_seq_one_letter_code
;APRSVDWREKGYVTPVKNQGQCGSCWAFSATGALEGQMFRKTGRLISLSEQNLVDCSGPQGNEGCNGGLMDYAFQYVQDN
GGLDSEESYPYEATEESCKYNPKYSVANDAGFVDIPKQEKALMKAVATVGPISVAIDAGHESFLFYKEGIYFEPDCSSED
MDHGVLVVGYGFESTESDNNKYWLVKNSWGEEWGMGGYVKMAKDRRNHCGIASAASYPTV
;
_entity_poly.pdbx_strand_id   A,B,C,D
#
loop_
_chem_comp.id
_chem_comp.type
_chem_comp.name
_chem_comp.formula
ACT non-polymer 'ACETATE ION' 'C2 H3 O2 -1'
ALD non-polymer N-[(benzyloxy)carbonyl]-L-leucyl-N-[(2S)-1-hydroxy-4-methylpentan-2-yl]-L-leucinamide 'C26 H43 N3 O5'
PEG non-polymer DI(HYDROXYETHYL)ETHER 'C4 H10 O3'
#
# COMPACT_ATOMS: atom_id res chain seq x y z
N ALA A 1 -10.33 -13.82 -14.38
CA ALA A 1 -10.78 -13.31 -13.06
C ALA A 1 -10.28 -11.88 -12.86
N PRO A 2 -10.84 -11.16 -11.87
CA PRO A 2 -10.30 -9.84 -11.54
C PRO A 2 -8.88 -9.94 -11.03
N ARG A 3 -8.15 -8.83 -11.14
CA ARG A 3 -6.79 -8.78 -10.62
C ARG A 3 -6.77 -8.43 -9.14
N SER A 4 -7.84 -7.85 -8.61
CA SER A 4 -7.94 -7.54 -7.18
C SER A 4 -9.37 -7.82 -6.74
N VAL A 5 -9.50 -8.39 -5.53
CA VAL A 5 -10.77 -8.73 -4.89
C VAL A 5 -10.60 -8.42 -3.40
N ASP A 6 -11.63 -7.84 -2.78
CA ASP A 6 -11.62 -7.64 -1.32
C ASP A 6 -13.08 -7.71 -0.84
N TRP A 7 -13.46 -8.86 -0.29
CA TRP A 7 -14.84 -9.04 0.14
C TRP A 7 -15.19 -8.20 1.37
N ARG A 8 -14.20 -7.67 2.09
CA ARG A 8 -14.49 -6.77 3.21
C ARG A 8 -15.23 -5.53 2.74
N GLU A 9 -14.97 -5.07 1.52
CA GLU A 9 -15.60 -3.86 1.00
C GLU A 9 -17.04 -4.10 0.62
N LYS A 10 -17.46 -5.36 0.57
CA LYS A 10 -18.83 -5.72 0.20
C LYS A 10 -19.66 -6.18 1.39
N GLY A 11 -19.11 -6.14 2.61
CA GLY A 11 -19.90 -6.45 3.80
C GLY A 11 -19.91 -7.91 4.21
N TYR A 12 -18.98 -8.72 3.69
CA TYR A 12 -19.00 -10.16 3.90
C TYR A 12 -18.22 -10.61 5.13
N VAL A 13 -17.53 -9.72 5.83
CA VAL A 13 -16.49 -10.12 6.78
C VAL A 13 -16.67 -9.39 8.11
N THR A 14 -16.77 -10.15 9.21
CA THR A 14 -16.80 -9.61 10.54
C THR A 14 -15.42 -9.13 10.97
N PRO A 15 -15.32 -8.38 12.06
CA PRO A 15 -13.99 -7.97 12.55
C PRO A 15 -13.12 -9.15 12.95
N VAL A 16 -11.83 -8.88 13.02
CA VAL A 16 -10.87 -9.88 13.45
C VAL A 16 -11.12 -10.33 14.88
N LYS A 17 -11.05 -11.64 15.10
CA LYS A 17 -11.30 -12.29 16.38
C LYS A 17 -9.99 -12.87 16.89
N ASN A 18 -10.04 -13.44 18.10
CA ASN A 18 -8.86 -13.97 18.74
C ASN A 18 -9.17 -15.31 19.40
N GLN A 19 -8.59 -16.38 18.85
CA GLN A 19 -8.81 -17.72 19.38
C GLN A 19 -8.13 -17.94 20.72
N GLY A 20 -7.27 -17.03 21.16
CA GLY A 20 -6.60 -17.23 22.43
C GLY A 20 -5.62 -18.39 22.38
N GLN A 21 -5.47 -19.07 23.51
CA GLN A 21 -4.57 -20.22 23.62
C GLN A 21 -5.36 -21.53 23.52
N CYS A 22 -6.06 -21.65 22.40
CA CYS A 22 -6.85 -22.83 22.07
C CYS A 22 -6.60 -23.11 20.60
N GLY A 23 -6.34 -24.37 20.27
CA GLY A 23 -6.13 -24.76 18.89
C GLY A 23 -7.43 -24.83 18.10
N SER A 24 -8.18 -23.73 18.07
CA SER A 24 -9.51 -23.68 17.47
C SER A 24 -9.55 -22.87 16.18
N CYS A 25 -8.40 -22.64 15.57
CA CYS A 25 -8.33 -21.87 14.33
C CYS A 25 -9.32 -22.38 13.29
N TRP A 26 -9.47 -23.71 13.21
CA TRP A 26 -10.39 -24.32 12.24
C TRP A 26 -11.80 -23.83 12.43
N ALA A 27 -12.19 -23.54 13.68
CA ALA A 27 -13.53 -23.05 13.94
C ALA A 27 -13.67 -21.61 13.50
N PHE A 28 -12.63 -20.81 13.67
CA PHE A 28 -12.67 -19.41 13.24
C PHE A 28 -12.66 -19.32 11.73
N SER A 29 -11.89 -20.20 11.06
CA SER A 29 -11.96 -20.27 9.61
C SER A 29 -13.37 -20.63 9.16
N ALA A 30 -13.98 -21.61 9.82
CA ALA A 30 -15.31 -22.08 9.41
C ALA A 30 -16.38 -21.02 9.63
N THR A 31 -16.39 -20.38 10.80
CA THR A 31 -17.38 -19.33 11.00
C THR A 31 -17.15 -18.18 10.02
N GLY A 32 -15.89 -17.85 9.70
CA GLY A 32 -15.65 -16.78 8.75
C GLY A 32 -16.26 -17.05 7.38
N ALA A 33 -16.04 -18.27 6.86
CA ALA A 33 -16.63 -18.62 5.57
C ALA A 33 -18.15 -18.65 5.62
N LEU A 34 -18.72 -19.17 6.71
CA LEU A 34 -20.17 -19.25 6.84
C LEU A 34 -20.79 -17.86 7.06
N GLU A 35 -20.09 -16.99 7.77
CA GLU A 35 -20.55 -15.61 7.88
C GLU A 35 -20.68 -14.98 6.51
N GLY A 36 -19.72 -15.25 5.63
CA GLY A 36 -19.75 -14.69 4.30
C GLY A 36 -20.90 -15.23 3.48
N GLN A 37 -21.10 -16.54 3.51
CA GLN A 37 -22.16 -17.15 2.70
C GLN A 37 -23.54 -16.82 3.25
N MET A 38 -23.70 -16.77 4.57
CA MET A 38 -24.97 -16.31 5.12
C MET A 38 -25.26 -14.88 4.68
N PHE A 39 -24.22 -14.03 4.63
CA PHE A 39 -24.43 -12.66 4.17
C PHE A 39 -24.84 -12.65 2.69
N ARG A 40 -24.20 -13.48 1.88
CA ARG A 40 -24.59 -13.61 0.48
C ARG A 40 -26.08 -13.93 0.36
N LYS A 41 -26.58 -14.80 1.25
CA LYS A 41 -27.97 -15.24 1.17
C LYS A 41 -28.94 -14.19 1.68
N THR A 42 -28.71 -13.69 2.89
CA THR A 42 -29.69 -12.88 3.60
C THR A 42 -29.40 -11.39 3.58
N GLY A 43 -28.18 -11.00 3.22
CA GLY A 43 -27.80 -9.61 3.30
C GLY A 43 -27.57 -9.12 4.71
N ARG A 44 -27.46 -10.02 5.68
N ARG A 44 -27.44 -10.03 5.67
CA ARG A 44 -27.19 -9.65 7.07
CA ARG A 44 -27.19 -9.67 7.07
C ARG A 44 -25.93 -10.36 7.53
C ARG A 44 -25.92 -10.37 7.54
N LEU A 45 -24.99 -9.59 8.09
CA LEU A 45 -23.75 -10.12 8.62
C LEU A 45 -23.93 -10.37 10.11
N ILE A 46 -23.88 -11.64 10.52
CA ILE A 46 -24.02 -12.02 11.93
C ILE A 46 -22.79 -12.83 12.32
N SER A 47 -22.07 -12.37 13.35
CA SER A 47 -20.95 -13.14 13.88
C SER A 47 -21.44 -14.45 14.47
N LEU A 48 -20.71 -15.53 14.20
CA LEU A 48 -21.12 -16.88 14.59
C LEU A 48 -20.21 -17.43 15.68
N SER A 49 -20.74 -18.45 16.38
CA SER A 49 -20.16 -18.98 17.60
C SER A 49 -19.12 -20.06 17.30
N GLU A 50 -17.83 -19.70 17.43
CA GLU A 50 -16.78 -20.70 17.36
C GLU A 50 -16.88 -21.69 18.52
N GLN A 51 -17.35 -21.23 19.69
CA GLN A 51 -17.45 -22.11 20.85
C GLN A 51 -18.45 -23.23 20.59
N ASN A 52 -19.56 -22.89 19.93
CA ASN A 52 -20.52 -23.90 19.49
C ASN A 52 -19.81 -25.02 18.73
N LEU A 53 -18.92 -24.66 17.81
CA LEU A 53 -18.19 -25.66 17.03
C LEU A 53 -17.19 -26.41 17.92
N VAL A 54 -16.45 -25.69 18.77
CA VAL A 54 -15.46 -26.36 19.62
C VAL A 54 -16.13 -27.39 20.51
N ASP A 55 -17.29 -27.05 21.07
CA ASP A 55 -17.95 -27.90 22.05
C ASP A 55 -18.72 -29.05 21.43
N CYS A 56 -19.20 -28.90 20.20
CA CYS A 56 -20.27 -29.74 19.69
C CYS A 56 -19.94 -30.54 18.44
N SER A 57 -18.89 -30.20 17.68
CA SER A 57 -18.70 -30.88 16.41
C SER A 57 -17.73 -32.06 16.50
N GLY A 58 -17.48 -32.59 17.71
CA GLY A 58 -16.73 -33.82 17.84
C GLY A 58 -17.25 -34.98 17.02
N PRO A 59 -18.56 -35.20 16.96
CA PRO A 59 -19.06 -36.35 16.20
C PRO A 59 -18.75 -36.27 14.72
N GLN A 60 -18.49 -35.07 14.20
CA GLN A 60 -18.10 -34.93 12.80
C GLN A 60 -16.62 -35.13 12.58
N GLY A 61 -15.84 -35.30 13.65
CA GLY A 61 -14.40 -35.54 13.56
C GLY A 61 -13.54 -34.48 14.21
N ASN A 62 -14.10 -33.40 14.74
CA ASN A 62 -13.31 -32.34 15.33
C ASN A 62 -12.92 -32.66 16.77
N GLU A 63 -11.87 -32.01 17.23
CA GLU A 63 -11.28 -32.32 18.52
C GLU A 63 -11.04 -31.05 19.33
N GLY A 64 -11.98 -30.11 19.27
CA GLY A 64 -11.96 -28.97 20.17
C GLY A 64 -10.69 -28.14 20.02
N CYS A 65 -10.06 -27.83 21.15
CA CYS A 65 -8.81 -27.07 21.17
C CYS A 65 -7.62 -27.90 20.70
N ASN A 66 -7.82 -29.20 20.48
CA ASN A 66 -6.76 -30.07 19.98
C ASN A 66 -6.79 -30.22 18.47
N GLY A 67 -7.56 -29.41 17.77
CA GLY A 67 -7.56 -29.39 16.31
C GLY A 67 -8.89 -29.78 15.72
N GLY A 68 -9.03 -29.48 14.43
CA GLY A 68 -10.26 -29.75 13.72
C GLY A 68 -10.08 -29.42 12.25
N LEU A 69 -11.18 -29.55 11.50
CA LEU A 69 -11.20 -29.20 10.09
C LEU A 69 -12.46 -28.38 9.79
N MET A 70 -12.31 -27.37 8.93
CA MET A 70 -13.44 -26.54 8.54
C MET A 70 -14.57 -27.38 7.93
N ASP A 71 -14.23 -28.37 7.10
CA ASP A 71 -15.27 -29.17 6.47
C ASP A 71 -16.07 -29.96 7.51
N TYR A 72 -15.41 -30.43 8.56
CA TYR A 72 -16.13 -31.10 9.64
C TYR A 72 -17.08 -30.13 10.33
N ALA A 73 -16.68 -28.86 10.44
CA ALA A 73 -17.54 -27.84 10.99
C ALA A 73 -18.75 -27.59 10.10
N PHE A 74 -18.53 -27.50 8.79
CA PHE A 74 -19.66 -27.32 7.88
C PHE A 74 -20.61 -28.52 7.95
N GLN A 75 -20.05 -29.72 8.14
CA GLN A 75 -20.90 -30.90 8.27
C GLN A 75 -21.72 -30.85 9.55
N TYR A 76 -21.12 -30.37 10.65
CA TYR A 76 -21.84 -30.23 11.89
C TYR A 76 -23.05 -29.32 11.72
N VAL A 77 -22.84 -28.14 11.13
CA VAL A 77 -23.95 -27.21 10.95
C VAL A 77 -25.07 -27.88 10.18
N GLN A 78 -24.73 -28.63 9.13
CA GLN A 78 -25.74 -29.35 8.36
C GLN A 78 -26.42 -30.42 9.21
N ASP A 79 -25.62 -31.33 9.79
CA ASP A 79 -26.16 -32.42 10.60
C ASP A 79 -27.01 -31.90 11.75
N ASN A 80 -26.58 -30.79 12.34
CA ASN A 80 -27.18 -30.31 13.57
C ASN A 80 -28.41 -29.44 13.32
N GLY A 81 -28.56 -28.94 12.09
CA GLY A 81 -29.65 -28.06 11.75
C GLY A 81 -29.49 -26.64 12.22
N GLY A 82 -28.29 -26.20 12.51
CA GLY A 82 -28.11 -24.82 12.93
C GLY A 82 -26.77 -24.57 13.60
N LEU A 83 -26.53 -23.29 13.87
CA LEU A 83 -25.33 -22.83 14.56
C LEU A 83 -25.70 -21.54 15.28
N ASP A 84 -25.32 -21.44 16.55
CA ASP A 84 -25.69 -20.28 17.35
C ASP A 84 -24.83 -19.08 17.00
N SER A 85 -25.35 -17.89 17.30
CA SER A 85 -24.60 -16.66 17.11
C SER A 85 -23.50 -16.54 18.16
N GLU A 86 -22.48 -15.76 17.82
CA GLU A 86 -21.42 -15.40 18.75
C GLU A 86 -22.01 -14.80 20.02
N GLU A 87 -22.98 -13.90 19.86
CA GLU A 87 -23.57 -13.21 21.01
C GLU A 87 -24.22 -14.20 21.95
N SER A 88 -24.91 -15.22 21.41
CA SER A 88 -25.67 -16.14 22.24
C SER A 88 -24.80 -17.23 22.86
N TYR A 89 -23.61 -17.45 22.35
CA TYR A 89 -22.79 -18.60 22.73
C TYR A 89 -21.33 -18.16 22.61
N PRO A 90 -20.87 -17.29 23.51
CA PRO A 90 -19.63 -16.58 23.29
C PRO A 90 -18.39 -17.45 23.51
N TYR A 91 -17.26 -16.92 23.07
CA TYR A 91 -16.04 -17.69 22.98
C TYR A 91 -15.28 -17.69 24.30
N GLU A 92 -14.91 -18.88 24.76
CA GLU A 92 -14.21 -19.03 26.03
C GLU A 92 -12.83 -19.67 25.91
N ALA A 93 -12.45 -20.14 24.72
CA ALA A 93 -11.10 -20.63 24.44
C ALA A 93 -10.75 -21.86 25.28
N THR A 94 -11.75 -22.62 25.68
CA THR A 94 -11.53 -23.92 26.31
C THR A 94 -12.69 -24.81 25.92
N GLU A 95 -12.44 -26.11 25.81
CA GLU A 95 -13.50 -27.03 25.42
C GLU A 95 -14.38 -27.35 26.63
N GLU A 96 -15.69 -27.33 26.40
CA GLU A 96 -16.69 -27.66 27.42
C GLU A 96 -17.72 -28.56 26.78
N SER A 97 -18.71 -28.98 27.57
CA SER A 97 -19.83 -29.73 27.00
C SER A 97 -20.65 -28.84 26.08
N CYS A 98 -21.31 -29.48 25.11
N CYS A 98 -21.32 -29.49 25.13
CA CYS A 98 -22.10 -28.76 24.13
CA CYS A 98 -22.16 -28.81 24.14
C CYS A 98 -23.33 -28.12 24.77
C CYS A 98 -23.33 -28.10 24.83
N LYS A 99 -23.57 -26.85 24.44
CA LYS A 99 -24.70 -26.08 24.97
C LYS A 99 -25.52 -25.47 23.84
N TYR A 100 -25.44 -26.04 22.65
CA TYR A 100 -26.22 -25.56 21.52
C TYR A 100 -27.69 -25.42 21.86
N ASN A 101 -28.26 -24.29 21.46
CA ASN A 101 -29.68 -24.02 21.63
C ASN A 101 -30.25 -23.69 20.27
N PRO A 102 -31.17 -24.50 19.73
CA PRO A 102 -31.70 -24.17 18.39
C PRO A 102 -32.44 -22.84 18.33
N LYS A 103 -32.94 -22.35 19.47
CA LYS A 103 -33.67 -21.09 19.46
C LYS A 103 -32.78 -19.93 19.03
N TYR A 104 -31.49 -20.04 19.28
CA TYR A 104 -30.53 -18.99 18.96
C TYR A 104 -29.73 -19.29 17.72
N SER A 105 -30.15 -20.29 16.94
CA SER A 105 -29.51 -20.55 15.67
C SER A 105 -29.80 -19.42 14.68
N VAL A 106 -28.74 -18.98 14.00
CA VAL A 106 -28.81 -17.90 13.04
C VAL A 106 -28.18 -18.26 11.71
N ALA A 107 -27.66 -19.48 11.57
CA ALA A 107 -26.97 -19.90 10.36
C ALA A 107 -27.27 -21.37 10.09
N ASN A 108 -27.21 -21.73 8.81
CA ASN A 108 -27.42 -23.10 8.38
C ASN A 108 -26.53 -23.32 7.18
N ASP A 109 -26.24 -24.58 6.88
CA ASP A 109 -25.70 -24.89 5.56
C ASP A 109 -26.16 -26.27 5.16
N ALA A 110 -26.06 -26.53 3.85
CA ALA A 110 -26.48 -27.78 3.26
C ALA A 110 -25.30 -28.57 2.72
N GLY A 111 -24.16 -28.47 3.39
CA GLY A 111 -22.96 -29.13 2.92
C GLY A 111 -21.87 -28.14 2.63
N PHE A 112 -20.91 -28.55 1.79
CA PHE A 112 -19.75 -27.73 1.51
C PHE A 112 -19.20 -28.13 0.14
N VAL A 113 -18.23 -27.35 -0.34
CA VAL A 113 -17.60 -27.59 -1.62
C VAL A 113 -16.09 -27.51 -1.41
N ASP A 114 -15.38 -28.56 -1.81
CA ASP A 114 -13.93 -28.58 -1.79
C ASP A 114 -13.40 -28.12 -3.14
N ILE A 115 -12.46 -27.18 -3.11
CA ILE A 115 -11.91 -26.53 -4.29
C ILE A 115 -10.72 -27.35 -4.78
N PRO A 116 -10.59 -27.58 -6.10
CA PRO A 116 -9.39 -28.25 -6.61
C PRO A 116 -8.12 -27.64 -6.05
N LYS A 117 -7.09 -28.47 -5.92
N LYS A 117 -7.09 -28.48 -5.94
CA LYS A 117 -5.84 -28.08 -5.26
CA LYS A 117 -5.82 -28.12 -5.30
C LYS A 117 -4.93 -27.28 -6.19
C LYS A 117 -4.94 -27.31 -6.25
N GLN A 118 -5.43 -26.13 -6.62
CA GLN A 118 -4.70 -25.26 -7.53
C GLN A 118 -5.04 -23.81 -7.20
N GLU A 119 -4.01 -22.94 -7.25
CA GLU A 119 -4.26 -21.55 -6.93
C GLU A 119 -5.14 -20.89 -7.98
N LYS A 120 -5.11 -21.38 -9.22
CA LYS A 120 -6.04 -20.85 -10.23
C LYS A 120 -7.49 -21.10 -9.82
N ALA A 121 -7.78 -22.30 -9.32
CA ALA A 121 -9.14 -22.61 -8.88
C ALA A 121 -9.50 -21.83 -7.63
N LEU A 122 -8.56 -21.69 -6.70
CA LEU A 122 -8.83 -20.87 -5.52
C LEU A 122 -9.17 -19.44 -5.91
N MET A 123 -8.42 -18.87 -6.85
CA MET A 123 -8.69 -17.50 -7.29
C MET A 123 -10.11 -17.39 -7.85
N LYS A 124 -10.50 -18.34 -8.69
CA LYS A 124 -11.83 -18.30 -9.26
C LYS A 124 -12.90 -18.39 -8.19
N ALA A 125 -12.68 -19.23 -7.17
CA ALA A 125 -13.64 -19.34 -6.08
C ALA A 125 -13.69 -18.06 -5.25
N VAL A 126 -12.53 -17.49 -4.93
CA VAL A 126 -12.51 -16.21 -4.20
C VAL A 126 -13.24 -15.15 -5.00
N ALA A 127 -13.02 -15.10 -6.32
CA ALA A 127 -13.60 -14.03 -7.13
C ALA A 127 -15.11 -14.13 -7.24
N THR A 128 -15.68 -15.34 -7.15
CA THR A 128 -17.08 -15.54 -7.44
C THR A 128 -17.94 -15.98 -6.27
N VAL A 129 -17.36 -16.55 -5.22
CA VAL A 129 -18.13 -17.13 -4.12
C VAL A 129 -18.16 -16.21 -2.90
N GLY A 130 -17.01 -15.70 -2.49
CA GLY A 130 -16.85 -15.01 -1.23
C GLY A 130 -15.62 -15.52 -0.51
N PRO A 131 -15.47 -15.15 0.76
CA PRO A 131 -14.36 -15.67 1.57
C PRO A 131 -14.32 -17.18 1.59
N ILE A 132 -13.11 -17.73 1.54
CA ILE A 132 -12.87 -19.16 1.38
C ILE A 132 -12.04 -19.63 2.56
N SER A 133 -12.47 -20.73 3.18
CA SER A 133 -11.70 -21.39 4.24
C SER A 133 -10.51 -22.09 3.62
N VAL A 134 -9.31 -21.87 4.20
CA VAL A 134 -8.09 -22.51 3.73
C VAL A 134 -7.24 -22.91 4.92
N ALA A 135 -6.35 -23.87 4.68
CA ALA A 135 -5.33 -24.29 5.63
C ALA A 135 -3.95 -23.89 5.12
N ILE A 136 -3.08 -23.43 6.04
CA ILE A 136 -1.73 -23.01 5.68
C ILE A 136 -0.73 -23.56 6.69
N ASP A 137 0.53 -23.59 6.28
CA ASP A 137 1.66 -23.84 7.17
C ASP A 137 2.04 -22.52 7.81
N ALA A 138 1.62 -22.32 9.06
CA ALA A 138 1.94 -21.12 9.82
C ALA A 138 2.98 -21.37 10.90
N GLY A 139 3.65 -22.52 10.87
CA GLY A 139 4.61 -22.87 11.90
C GLY A 139 6.01 -22.32 11.72
N HIS A 140 6.15 -21.00 11.61
CA HIS A 140 7.46 -20.38 11.44
C HIS A 140 7.47 -19.04 12.16
N GLU A 141 8.59 -18.74 12.82
CA GLU A 141 8.71 -17.49 13.57
C GLU A 141 8.38 -16.28 12.70
N SER A 142 8.69 -16.34 11.41
CA SER A 142 8.42 -15.22 10.51
C SER A 142 6.94 -14.89 10.50
N PHE A 143 6.09 -15.91 10.70
CA PHE A 143 4.65 -15.66 10.69
C PHE A 143 4.21 -14.94 11.96
N LEU A 144 4.82 -15.28 13.11
CA LEU A 144 4.49 -14.60 14.35
C LEU A 144 4.80 -13.10 14.26
N PHE A 145 5.94 -12.75 13.68
CA PHE A 145 6.44 -11.38 13.70
C PHE A 145 5.97 -10.54 12.53
N TYR A 146 5.10 -11.08 11.68
CA TYR A 146 4.71 -10.38 10.46
C TYR A 146 4.09 -9.02 10.80
N LYS A 147 4.51 -7.99 10.08
N LYS A 147 4.57 -7.97 10.12
CA LYS A 147 4.00 -6.64 10.29
CA LYS A 147 4.05 -6.62 10.28
C LYS A 147 3.33 -6.03 9.08
C LYS A 147 3.28 -6.13 9.06
N GLU A 148 3.89 -6.21 7.88
CA GLU A 148 3.28 -5.67 6.66
C GLU A 148 3.94 -6.35 5.46
N GLY A 149 3.45 -6.01 4.27
CA GLY A 149 4.04 -6.53 3.06
C GLY A 149 3.55 -7.93 2.72
N ILE A 150 4.19 -8.53 1.72
CA ILE A 150 3.81 -9.86 1.26
C ILE A 150 4.68 -10.88 1.99
N TYR A 151 4.01 -11.77 2.73
CA TYR A 151 4.67 -12.80 3.51
C TYR A 151 5.16 -13.91 2.59
N PHE A 152 6.47 -14.16 2.63
CA PHE A 152 7.07 -15.29 1.92
C PHE A 152 8.10 -15.96 2.83
N GLU A 153 7.91 -17.25 3.06
CA GLU A 153 8.75 -18.05 3.94
C GLU A 153 9.37 -19.19 3.13
N PRO A 154 10.66 -19.13 2.80
CA PRO A 154 11.23 -20.18 1.93
C PRO A 154 11.07 -21.58 2.47
N ASP A 155 10.94 -21.75 3.79
CA ASP A 155 10.84 -23.08 4.38
C ASP A 155 9.40 -23.50 4.62
N CYS A 156 8.45 -22.83 3.97
CA CYS A 156 7.04 -23.16 4.12
C CYS A 156 6.69 -24.42 3.32
N SER A 157 5.85 -25.26 3.90
CA SER A 157 5.44 -26.51 3.29
C SER A 157 4.10 -26.35 2.59
N SER A 158 3.97 -26.95 1.41
N SER A 158 3.97 -26.95 1.41
CA SER A 158 2.73 -26.95 0.64
CA SER A 158 2.73 -26.94 0.64
C SER A 158 1.86 -28.17 0.89
C SER A 158 1.87 -28.18 0.88
N GLU A 159 2.30 -29.08 1.76
CA GLU A 159 1.56 -30.30 2.07
C GLU A 159 1.28 -30.49 3.55
N ASP A 160 2.07 -29.89 4.44
CA ASP A 160 1.90 -30.06 5.88
C ASP A 160 1.37 -28.74 6.45
N MET A 161 0.06 -28.58 6.39
CA MET A 161 -0.61 -27.41 6.93
C MET A 161 -1.00 -27.66 8.38
N ASP A 162 -1.05 -26.58 9.17
CA ASP A 162 -1.39 -26.71 10.58
C ASP A 162 -2.28 -25.59 11.11
N HIS A 163 -2.78 -24.70 10.26
CA HIS A 163 -3.51 -23.53 10.74
C HIS A 163 -4.59 -23.18 9.74
N GLY A 164 -5.82 -23.05 10.22
CA GLY A 164 -6.93 -22.68 9.36
C GLY A 164 -7.12 -21.17 9.42
N VAL A 165 -7.33 -20.57 8.25
CA VAL A 165 -7.52 -19.12 8.13
C VAL A 165 -8.56 -18.89 7.03
N LEU A 166 -8.77 -17.62 6.68
CA LEU A 166 -9.83 -17.23 5.76
C LEU A 166 -9.27 -16.28 4.70
N VAL A 167 -9.40 -16.67 3.44
CA VAL A 167 -9.03 -15.80 2.33
C VAL A 167 -10.22 -14.92 2.01
N VAL A 168 -10.04 -13.61 2.16
CA VAL A 168 -11.09 -12.63 1.91
C VAL A 168 -10.88 -11.87 0.61
N GLY A 169 -9.80 -12.14 -0.12
CA GLY A 169 -9.54 -11.45 -1.36
C GLY A 169 -8.13 -11.76 -1.82
N TYR A 170 -7.69 -10.98 -2.81
CA TYR A 170 -6.31 -11.06 -3.30
C TYR A 170 -6.04 -9.76 -4.02
N GLY A 171 -4.78 -9.53 -4.35
CA GLY A 171 -4.39 -8.29 -4.99
C GLY A 171 -2.93 -8.33 -5.35
N PHE A 172 -2.35 -7.15 -5.52
CA PHE A 172 -0.96 -7.03 -5.91
C PHE A 172 -0.37 -5.74 -5.36
N GLU A 173 0.96 -5.73 -5.25
CA GLU A 173 1.71 -4.50 -5.00
C GLU A 173 3.14 -4.72 -5.46
N SER A 174 3.77 -3.65 -5.94
CA SER A 174 5.14 -3.72 -6.43
C SER A 174 6.10 -4.03 -5.30
N THR A 175 7.05 -4.93 -5.58
CA THR A 175 8.04 -5.38 -4.60
C THR A 175 9.44 -5.44 -5.22
N GLU A 176 10.44 -5.49 -4.33
CA GLU A 176 11.83 -5.60 -4.76
C GLU A 176 12.04 -6.78 -5.69
N SER A 177 11.47 -7.95 -5.37
CA SER A 177 11.75 -9.17 -6.13
C SER A 177 10.80 -9.39 -7.30
N ASP A 178 9.79 -8.53 -7.45
CA ASP A 178 8.77 -8.61 -8.50
C ASP A 178 7.89 -9.84 -8.33
N ASN A 179 7.81 -10.37 -7.12
CA ASN A 179 6.78 -11.33 -6.73
C ASN A 179 5.68 -10.49 -6.06
N ASN A 180 4.72 -10.03 -6.86
CA ASN A 180 3.86 -8.93 -6.45
C ASN A 180 2.45 -9.33 -6.03
N LYS A 181 2.07 -10.58 -6.22
CA LYS A 181 0.70 -10.99 -5.99
C LYS A 181 0.56 -11.59 -4.60
N TYR A 182 -0.61 -11.34 -3.98
CA TYR A 182 -0.88 -11.85 -2.65
C TYR A 182 -2.34 -12.24 -2.47
N TRP A 183 -2.54 -13.20 -1.56
CA TRP A 183 -3.85 -13.51 -0.99
C TRP A 183 -4.03 -12.66 0.25
N LEU A 184 -5.21 -12.07 0.41
CA LEU A 184 -5.55 -11.32 1.60
C LEU A 184 -6.21 -12.26 2.59
N VAL A 185 -5.56 -12.48 3.73
CA VAL A 185 -5.94 -13.55 4.66
C VAL A 185 -6.28 -12.94 6.00
N LYS A 186 -7.46 -13.29 6.51
CA LYS A 186 -7.89 -12.96 7.85
C LYS A 186 -7.45 -14.06 8.80
N ASN A 187 -6.68 -13.70 9.82
CA ASN A 187 -6.26 -14.61 10.87
C ASN A 187 -7.18 -14.46 12.08
N SER A 188 -6.92 -15.24 13.12
CA SER A 188 -7.72 -15.25 14.34
C SER A 188 -6.83 -15.10 15.57
N TRP A 189 -5.83 -14.23 15.46
CA TRP A 189 -4.91 -13.94 16.54
C TRP A 189 -5.07 -12.51 17.06
N GLY A 190 -6.21 -11.88 16.80
CA GLY A 190 -6.44 -10.53 17.25
C GLY A 190 -5.91 -9.48 16.29
N GLU A 191 -6.23 -8.21 16.62
CA GLU A 191 -5.88 -7.10 15.75
C GLU A 191 -4.41 -6.71 15.82
N GLU A 192 -3.76 -6.99 16.94
CA GLU A 192 -2.38 -6.55 17.15
C GLU A 192 -1.39 -7.36 16.32
N TRP A 193 -1.76 -8.55 15.88
CA TRP A 193 -0.90 -9.34 15.02
C TRP A 193 -1.00 -8.82 13.58
N GLY A 194 0.12 -8.81 12.87
CA GLY A 194 0.06 -8.52 11.45
C GLY A 194 -0.47 -7.13 11.16
N MET A 195 -1.20 -7.03 10.05
N MET A 195 -1.18 -7.02 10.03
CA MET A 195 -1.77 -5.76 9.57
CA MET A 195 -1.77 -5.75 9.59
C MET A 195 -3.23 -5.71 10.03
C MET A 195 -3.22 -5.74 10.05
N GLY A 196 -3.44 -5.24 11.26
CA GLY A 196 -4.79 -5.23 11.82
C GLY A 196 -5.41 -6.61 11.91
N GLY A 197 -4.60 -7.65 12.09
CA GLY A 197 -5.08 -9.02 12.12
C GLY A 197 -5.00 -9.76 10.80
N TYR A 198 -4.61 -9.08 9.72
CA TYR A 198 -4.53 -9.66 8.39
C TYR A 198 -3.09 -9.89 7.94
N VAL A 199 -2.95 -10.77 6.96
CA VAL A 199 -1.65 -11.01 6.32
C VAL A 199 -1.86 -11.13 4.82
N LYS A 200 -0.90 -10.60 4.07
CA LYS A 200 -0.84 -10.75 2.62
C LYS A 200 0.12 -11.90 2.35
N MET A 201 -0.41 -13.01 1.90
N MET A 201 -0.42 -13.03 1.92
CA MET A 201 0.39 -14.21 1.68
CA MET A 201 0.35 -14.25 1.67
C MET A 201 0.71 -14.39 0.21
C MET A 201 0.73 -14.34 0.20
N ALA A 202 1.98 -14.73 -0.06
CA ALA A 202 2.46 -14.91 -1.41
C ALA A 202 1.49 -15.73 -2.25
N LYS A 203 1.13 -15.19 -3.41
CA LYS A 203 0.18 -15.83 -4.33
C LYS A 203 0.87 -16.18 -5.64
N ASP A 204 0.53 -17.35 -6.18
CA ASP A 204 1.10 -17.86 -7.42
C ASP A 204 2.60 -18.10 -7.32
N ARG A 205 3.05 -18.50 -6.13
CA ARG A 205 4.43 -18.95 -5.89
C ARG A 205 4.41 -20.40 -5.45
N ARG A 206 4.04 -21.30 -6.36
CA ARG A 206 4.04 -22.74 -6.11
C ARG A 206 3.24 -23.10 -4.85
N ASN A 207 2.02 -22.57 -4.76
CA ASN A 207 1.11 -22.93 -3.68
C ASN A 207 1.79 -22.73 -2.31
N HIS A 208 2.24 -21.52 -2.09
CA HIS A 208 3.06 -21.20 -0.93
C HIS A 208 2.32 -21.47 0.38
N CYS A 209 2.95 -22.24 1.26
CA CYS A 209 2.40 -22.66 2.55
C CYS A 209 1.10 -23.46 2.39
N GLY A 210 0.85 -24.01 1.21
CA GLY A 210 -0.27 -24.92 1.03
C GLY A 210 -1.63 -24.28 0.99
N ILE A 211 -1.70 -22.99 0.67
CA ILE A 211 -2.95 -22.24 0.84
C ILE A 211 -4.06 -22.76 -0.06
N ALA A 212 -3.71 -23.37 -1.19
CA ALA A 212 -4.70 -23.95 -2.09
C ALA A 212 -4.89 -25.45 -1.86
N SER A 213 -4.28 -26.01 -0.81
CA SER A 213 -4.29 -27.46 -0.66
C SER A 213 -5.55 -27.99 0.06
N ALA A 214 -6.22 -27.17 0.86
CA ALA A 214 -7.41 -27.60 1.62
C ALA A 214 -8.37 -26.42 1.70
N ALA A 215 -8.87 -25.99 0.55
CA ALA A 215 -9.76 -24.84 0.43
C ALA A 215 -11.20 -25.31 0.21
N SER A 216 -12.14 -24.64 0.88
CA SER A 216 -13.53 -25.06 0.82
C SER A 216 -14.41 -23.94 1.32
N TYR A 217 -15.71 -24.08 1.09
CA TYR A 217 -16.68 -23.13 1.59
C TYR A 217 -18.00 -23.85 1.80
N PRO A 218 -18.85 -23.36 2.69
CA PRO A 218 -20.14 -24.00 2.91
C PRO A 218 -21.16 -23.61 1.84
N THR A 219 -22.11 -24.51 1.59
CA THR A 219 -23.21 -24.25 0.68
C THR A 219 -24.40 -23.77 1.50
N VAL A 220 -24.85 -22.56 1.23
CA VAL A 220 -25.98 -21.99 1.94
C VAL A 220 -27.17 -21.85 0.98
N ALA B 1 0.47 17.21 -12.51
CA ALA B 1 0.73 16.63 -13.86
C ALA B 1 0.24 17.61 -14.93
N PRO B 2 0.82 17.56 -16.13
CA PRO B 2 0.31 18.38 -17.23
C PRO B 2 -1.13 18.03 -17.54
N ARG B 3 -1.81 18.96 -18.21
N ARG B 3 -1.81 18.97 -18.22
CA ARG B 3 -3.21 18.73 -18.56
CA ARG B 3 -3.21 18.75 -18.59
C ARG B 3 -3.37 17.84 -19.78
C ARG B 3 -3.33 17.77 -19.74
N SER B 4 -2.34 17.74 -20.62
CA SER B 4 -2.36 16.80 -21.74
C SER B 4 -0.94 16.30 -21.96
N VAL B 5 -0.84 15.04 -22.41
CA VAL B 5 0.44 14.39 -22.67
C VAL B 5 0.30 13.58 -23.96
N ASP B 6 1.34 13.59 -24.79
CA ASP B 6 1.39 12.76 -25.99
C ASP B 6 2.85 12.42 -26.24
N TRP B 7 3.26 11.23 -25.83
CA TRP B 7 4.66 10.83 -25.93
C TRP B 7 5.12 10.60 -27.37
N ARG B 8 4.19 10.49 -28.33
CA ARG B 8 4.62 10.37 -29.72
C ARG B 8 5.40 11.60 -30.16
N GLU B 9 5.08 12.76 -29.59
CA GLU B 9 5.72 13.99 -30.01
C GLU B 9 7.09 14.15 -29.41
N LYS B 10 7.45 13.32 -28.45
CA LYS B 10 8.76 13.34 -27.83
C LYS B 10 9.67 12.24 -28.33
N GLY B 11 9.22 11.39 -29.25
CA GLY B 11 10.11 10.40 -29.83
C GLY B 11 10.08 9.05 -29.16
N TYR B 12 9.08 8.78 -28.32
CA TYR B 12 9.04 7.60 -27.50
C TYR B 12 8.31 6.42 -28.13
N VAL B 13 7.66 6.59 -29.27
CA VAL B 13 6.66 5.62 -29.73
C VAL B 13 6.91 5.23 -31.17
N THR B 14 6.95 3.93 -31.45
CA THR B 14 7.10 3.44 -32.82
C THR B 14 5.76 3.51 -33.54
N PRO B 15 5.75 3.35 -34.86
CA PRO B 15 4.47 3.30 -35.56
C PRO B 15 3.64 2.10 -35.10
N VAL B 16 2.36 2.16 -35.46
CA VAL B 16 1.44 1.09 -35.11
C VAL B 16 1.80 -0.18 -35.84
N LYS B 17 1.70 -1.30 -35.14
CA LYS B 17 1.98 -2.63 -35.61
C LYS B 17 0.69 -3.43 -35.66
N ASN B 18 0.79 -4.66 -36.16
CA ASN B 18 -0.38 -5.51 -36.34
C ASN B 18 -0.01 -6.91 -35.91
N GLN B 19 -0.60 -7.35 -34.80
CA GLN B 19 -0.41 -8.70 -34.32
C GLN B 19 -1.01 -9.75 -35.25
N GLY B 20 -1.86 -9.39 -36.20
CA GLY B 20 -2.49 -10.40 -37.03
C GLY B 20 -3.41 -11.32 -36.24
N GLN B 21 -3.51 -12.56 -36.70
CA GLN B 21 -4.42 -13.54 -36.10
C GLN B 21 -3.66 -14.45 -35.12
N CYS B 22 -3.09 -13.78 -34.14
CA CYS B 22 -2.29 -14.40 -33.08
C CYS B 22 -2.63 -13.64 -31.80
N GLY B 23 -2.88 -14.36 -30.71
CA GLY B 23 -3.20 -13.73 -29.44
C GLY B 23 -1.98 -13.19 -28.73
N SER B 24 -1.27 -12.28 -29.38
CA SER B 24 0.01 -11.78 -28.88
C SER B 24 -0.02 -10.32 -28.48
N CYS B 25 -1.22 -9.77 -28.22
CA CYS B 25 -1.35 -8.37 -27.80
C CYS B 25 -0.43 -8.03 -26.65
N TRP B 26 -0.29 -8.97 -25.71
CA TRP B 26 0.60 -8.77 -24.57
C TRP B 26 2.02 -8.47 -25.00
N ALA B 27 2.46 -9.07 -26.11
CA ALA B 27 3.84 -8.85 -26.55
C ALA B 27 3.99 -7.45 -27.16
N PHE B 28 2.97 -7.01 -27.90
CA PHE B 28 3.04 -5.65 -28.47
C PHE B 28 2.93 -4.59 -27.39
N SER B 29 2.10 -4.83 -26.37
CA SER B 29 2.01 -3.88 -25.28
C SER B 29 3.35 -3.81 -24.56
N ALA B 30 3.97 -4.95 -24.36
CA ALA B 30 5.26 -4.98 -23.68
C ALA B 30 6.36 -4.33 -24.50
N THR B 31 6.45 -4.62 -25.80
CA THR B 31 7.49 -3.95 -26.58
C THR B 31 7.26 -2.43 -26.60
N GLY B 32 6.01 -2.01 -26.64
CA GLY B 32 5.75 -0.58 -26.67
C GLY B 32 6.26 0.10 -25.42
N ALA B 33 6.02 -0.52 -24.25
CA ALA B 33 6.47 0.10 -23.01
C ALA B 33 7.98 0.07 -22.92
N LEU B 34 8.60 -1.04 -23.33
N LEU B 34 8.60 -1.04 -23.35
CA LEU B 34 10.06 -1.11 -23.31
CA LEU B 34 10.05 -1.13 -23.33
C LEU B 34 10.69 -0.21 -24.37
C LEU B 34 10.68 -0.20 -24.36
N GLU B 35 10.03 -0.04 -25.52
CA GLU B 35 10.52 0.93 -26.51
C GLU B 35 10.60 2.33 -25.91
N GLY B 36 9.58 2.71 -25.14
CA GLY B 36 9.59 4.03 -24.51
C GLY B 36 10.63 4.15 -23.42
N GLN B 37 10.81 3.11 -22.62
CA GLN B 37 11.77 3.23 -21.52
C GLN B 37 13.20 3.17 -22.04
N MET B 38 13.45 2.38 -23.08
CA MET B 38 14.76 2.40 -23.71
C MET B 38 15.06 3.77 -24.31
N PHE B 39 14.06 4.41 -24.91
CA PHE B 39 14.28 5.74 -25.47
C PHE B 39 14.59 6.75 -24.37
N ARG B 40 13.87 6.67 -23.24
CA ARG B 40 14.13 7.49 -22.06
C ARG B 40 15.58 7.36 -21.63
N LYS B 41 16.10 6.13 -21.65
CA LYS B 41 17.43 5.84 -21.12
C LYS B 41 18.56 6.15 -22.11
N THR B 42 18.35 5.90 -23.40
CA THR B 42 19.43 6.02 -24.38
C THR B 42 19.25 7.14 -25.40
N GLY B 43 18.03 7.62 -25.59
CA GLY B 43 17.78 8.58 -26.64
C GLY B 43 17.58 7.96 -28.00
N ARG B 44 17.42 6.64 -28.09
CA ARG B 44 17.25 5.96 -29.36
C ARG B 44 15.95 5.16 -29.33
N LEU B 45 15.12 5.37 -30.35
CA LEU B 45 13.90 4.60 -30.54
C LEU B 45 14.23 3.46 -31.48
N ILE B 46 14.13 2.22 -30.98
CA ILE B 46 14.41 1.03 -31.78
C ILE B 46 13.25 0.08 -31.58
N SER B 47 12.58 -0.25 -32.66
CA SER B 47 11.47 -1.19 -32.62
C SER B 47 11.95 -2.56 -32.18
N LEU B 48 11.20 -3.17 -31.26
CA LEU B 48 11.61 -4.40 -30.58
C LEU B 48 10.78 -5.60 -31.06
N SER B 49 11.34 -6.80 -30.86
CA SER B 49 10.80 -8.02 -31.47
C SER B 49 9.70 -8.66 -30.61
N GLU B 50 8.45 -8.56 -31.07
CA GLU B 50 7.37 -9.31 -30.44
C GLU B 50 7.55 -10.81 -30.65
N GLN B 51 8.10 -11.20 -31.79
CA GLN B 51 8.27 -12.62 -32.07
C GLN B 51 9.23 -13.26 -31.05
N ASN B 52 10.28 -12.53 -30.70
CA ASN B 52 11.18 -12.94 -29.64
C ASN B 52 10.40 -13.31 -28.38
N LEU B 53 9.44 -12.48 -28.00
CA LEU B 53 8.65 -12.74 -26.80
C LEU B 53 7.70 -13.91 -27.00
N VAL B 54 7.05 -13.97 -28.16
CA VAL B 54 6.13 -15.08 -28.44
C VAL B 54 6.87 -16.42 -28.37
N ASP B 55 8.06 -16.47 -28.98
CA ASP B 55 8.77 -17.74 -29.11
C ASP B 55 9.51 -18.16 -27.84
N CYS B 56 9.92 -17.20 -27.00
CA CYS B 56 10.96 -17.45 -26.00
C CYS B 56 10.54 -17.26 -24.55
N SER B 57 9.43 -16.57 -24.27
CA SER B 57 9.09 -16.22 -22.90
C SER B 57 8.08 -17.18 -22.27
N GLY B 58 7.96 -18.39 -22.82
CA GLY B 58 7.20 -19.44 -22.15
C GLY B 58 7.63 -19.73 -20.73
N PRO B 59 8.94 -19.75 -20.44
CA PRO B 59 9.37 -20.05 -19.07
C PRO B 59 8.91 -19.02 -18.06
N GLN B 60 8.59 -17.81 -18.47
CA GLN B 60 8.11 -16.78 -17.56
C GLN B 60 6.58 -16.78 -17.43
N GLY B 61 5.89 -17.67 -18.13
CA GLY B 61 4.44 -17.79 -17.99
C GLY B 61 3.67 -17.48 -19.27
N ASN B 62 4.30 -17.04 -20.33
CA ASN B 62 3.55 -16.68 -21.52
C ASN B 62 3.26 -17.90 -22.37
N GLU B 63 2.23 -17.76 -23.20
CA GLU B 63 1.73 -18.89 -23.97
C GLU B 63 1.59 -18.51 -25.44
N GLY B 64 2.49 -17.67 -25.93
CA GLY B 64 2.60 -17.42 -27.36
C GLY B 64 1.33 -16.80 -27.91
N CYS B 65 0.82 -17.37 -29.00
CA CYS B 65 -0.43 -16.89 -29.56
C CYS B 65 -1.64 -17.28 -28.75
N ASN B 66 -1.46 -18.06 -27.68
CA ASN B 66 -2.56 -18.45 -26.81
C ASN B 66 -2.76 -17.47 -25.66
N GLY B 67 -1.90 -16.46 -25.54
CA GLY B 67 -2.07 -15.44 -24.51
C GLY B 67 -0.83 -15.23 -23.69
N GLY B 68 -0.79 -14.11 -22.97
CA GLY B 68 0.35 -13.83 -22.13
C GLY B 68 0.08 -12.59 -21.29
N LEU B 69 1.14 -12.12 -20.63
CA LEU B 69 1.06 -10.93 -19.81
C LEU B 69 2.30 -10.07 -20.02
N MET B 70 2.11 -8.76 -19.99
CA MET B 70 3.24 -7.85 -20.17
C MET B 70 4.28 -8.05 -19.09
N ASP B 71 3.86 -8.27 -17.84
CA ASP B 71 4.84 -8.43 -16.77
C ASP B 71 5.71 -9.66 -17.01
N TYR B 72 5.12 -10.74 -17.54
CA TYR B 72 5.90 -11.94 -17.85
C TYR B 72 6.95 -11.64 -18.93
N ALA B 73 6.58 -10.80 -19.90
CA ALA B 73 7.52 -10.38 -20.93
C ALA B 73 8.64 -9.54 -20.34
N PHE B 74 8.31 -8.61 -19.43
CA PHE B 74 9.35 -7.82 -18.78
C PHE B 74 10.28 -8.74 -17.97
N GLN B 75 9.73 -9.75 -17.32
CA GLN B 75 10.56 -10.70 -16.58
C GLN B 75 11.48 -11.46 -17.51
N TYR B 76 10.96 -11.86 -18.68
CA TYR B 76 11.79 -12.56 -19.64
C TYR B 76 13.01 -11.73 -20.03
N VAL B 77 12.80 -10.46 -20.38
CA VAL B 77 13.93 -9.63 -20.78
C VAL B 77 14.99 -9.60 -19.69
N GLN B 78 14.56 -9.52 -18.43
CA GLN B 78 15.51 -9.50 -17.32
C GLN B 78 16.24 -10.84 -17.22
N ASP B 79 15.47 -11.94 -17.17
CA ASP B 79 16.06 -13.27 -17.03
C ASP B 79 17.04 -13.56 -18.17
N ASN B 80 16.67 -13.13 -19.37
CA ASN B 80 17.35 -13.48 -20.61
C ASN B 80 18.56 -12.61 -20.85
N GLY B 81 18.60 -11.43 -20.22
CA GLY B 81 19.70 -10.53 -20.44
C GLY B 81 19.56 -9.67 -21.66
N GLY B 82 18.41 -9.71 -22.34
CA GLY B 82 18.25 -8.89 -23.52
C GLY B 82 16.99 -9.25 -24.30
N LEU B 83 16.78 -8.46 -25.37
CA LEU B 83 15.66 -8.63 -26.29
C LEU B 83 16.11 -8.13 -27.65
N ASP B 84 15.82 -8.91 -28.68
CA ASP B 84 16.27 -8.60 -30.03
C ASP B 84 15.44 -7.50 -30.69
N SER B 85 16.05 -6.81 -31.63
CA SER B 85 15.36 -5.80 -32.40
C SER B 85 14.32 -6.44 -33.30
N GLU B 86 13.30 -5.66 -33.64
CA GLU B 86 12.32 -6.08 -34.62
C GLU B 86 12.99 -6.45 -35.93
N GLU B 87 13.97 -5.65 -36.35
CA GLU B 87 14.66 -5.87 -37.63
C GLU B 87 15.34 -7.23 -37.63
N SER B 88 15.95 -7.61 -36.51
CA SER B 88 16.72 -8.83 -36.45
C SER B 88 15.85 -10.07 -36.28
N TYR B 89 14.63 -9.92 -35.77
CA TYR B 89 13.79 -11.04 -35.35
C TYR B 89 12.35 -10.68 -35.71
N PRO B 90 12.01 -10.74 -37.00
CA PRO B 90 10.75 -10.14 -37.46
C PRO B 90 9.51 -10.95 -37.06
N TYR B 91 8.37 -10.28 -37.15
CA TYR B 91 7.13 -10.85 -36.64
C TYR B 91 6.49 -11.75 -37.68
N GLU B 92 6.14 -12.97 -37.25
CA GLU B 92 5.56 -13.99 -38.12
C GLU B 92 4.11 -14.33 -37.78
N ALA B 93 3.63 -13.96 -36.60
CA ALA B 93 2.24 -14.16 -36.19
C ALA B 93 1.90 -15.63 -35.97
N THR B 94 2.91 -16.42 -35.61
CA THR B 94 2.69 -17.81 -35.22
C THR B 94 3.83 -18.20 -34.31
N GLU B 95 3.56 -19.11 -33.37
CA GLU B 95 4.58 -19.50 -32.40
C GLU B 95 5.55 -20.49 -33.03
N GLU B 96 6.85 -20.23 -32.83
CA GLU B 96 7.92 -21.06 -33.35
C GLU B 96 8.93 -21.29 -32.23
N SER B 97 9.96 -22.10 -32.50
CA SER B 97 11.02 -22.26 -31.52
C SER B 97 11.82 -20.97 -31.36
N CYS B 98 12.36 -20.78 -30.16
N CYS B 98 12.35 -20.79 -30.15
CA CYS B 98 13.07 -19.55 -29.84
CA CYS B 98 13.13 -19.60 -29.82
C CYS B 98 14.37 -19.45 -30.64
C CYS B 98 14.36 -19.49 -30.72
N LYS B 99 14.57 -18.30 -31.29
CA LYS B 99 15.78 -18.05 -32.08
C LYS B 99 16.51 -16.80 -31.61
N TYR B 100 16.37 -16.48 -30.32
CA TYR B 100 17.05 -15.33 -29.75
C TYR B 100 18.54 -15.40 -30.02
N ASN B 101 19.10 -14.27 -30.44
CA ASN B 101 20.53 -14.13 -30.70
C ASN B 101 21.01 -12.93 -29.89
N PRO B 102 21.87 -13.11 -28.89
CA PRO B 102 22.29 -11.95 -28.08
C PRO B 102 23.07 -10.90 -28.86
N LYS B 103 23.66 -11.24 -30.01
CA LYS B 103 24.38 -10.24 -30.77
C LYS B 103 23.45 -9.10 -31.21
N TYR B 104 22.17 -9.39 -31.37
CA TYR B 104 21.21 -8.41 -31.85
C TYR B 104 20.33 -7.86 -30.73
N SER B 105 20.69 -8.09 -29.49
CA SER B 105 19.93 -7.50 -28.39
C SER B 105 20.15 -6.00 -28.35
N VAL B 106 19.04 -5.25 -28.25
CA VAL B 106 19.06 -3.79 -28.19
C VAL B 106 18.29 -3.27 -26.99
N ALA B 107 17.78 -4.13 -26.12
CA ALA B 107 17.01 -3.68 -24.96
C ALA B 107 17.26 -4.61 -23.80
N ASN B 108 17.00 -4.10 -22.59
CA ASN B 108 17.17 -4.87 -21.36
C ASN B 108 16.32 -4.17 -20.29
N ASP B 109 16.02 -4.90 -19.23
CA ASP B 109 15.39 -4.27 -18.07
C ASP B 109 15.82 -5.01 -16.82
N ALA B 110 15.48 -4.43 -15.68
CA ALA B 110 15.79 -4.99 -14.38
C ALA B 110 14.48 -5.14 -13.61
N GLY B 111 13.50 -5.78 -14.25
CA GLY B 111 12.21 -6.00 -13.64
C GLY B 111 11.12 -5.09 -14.16
N PHE B 112 10.11 -4.87 -13.34
CA PHE B 112 8.96 -4.10 -13.75
C PHE B 112 8.26 -3.50 -12.52
N VAL B 113 7.36 -2.58 -12.81
CA VAL B 113 6.60 -1.84 -11.81
C VAL B 113 5.12 -2.03 -12.11
N ASP B 114 4.37 -2.51 -11.12
CA ASP B 114 2.92 -2.55 -11.18
C ASP B 114 2.37 -1.30 -10.50
N ILE B 115 1.67 -0.46 -11.26
CA ILE B 115 1.10 0.77 -10.74
C ILE B 115 -0.13 0.43 -9.92
N PRO B 116 -0.37 1.09 -8.79
CA PRO B 116 -1.60 0.83 -8.03
C PRO B 116 -2.85 1.13 -8.85
N LYS B 117 -3.95 0.50 -8.44
N LYS B 117 -3.94 0.48 -8.47
CA LYS B 117 -5.20 0.48 -9.22
CA LYS B 117 -5.19 0.48 -9.25
C LYS B 117 -6.01 1.77 -9.06
C LYS B 117 -5.99 1.77 -8.99
N GLN B 118 -5.40 2.89 -9.43
CA GLN B 118 -6.08 4.18 -9.42
C GLN B 118 -5.78 4.94 -10.71
N GLU B 119 -6.82 5.49 -11.34
CA GLU B 119 -6.56 6.28 -12.54
C GLU B 119 -5.68 7.49 -12.24
N LYS B 120 -5.72 8.01 -11.01
N LYS B 120 -5.73 8.02 -11.02
CA LYS B 120 -4.82 9.10 -10.67
CA LYS B 120 -4.82 9.12 -10.68
C LYS B 120 -3.37 8.64 -10.70
C LYS B 120 -3.37 8.65 -10.70
N ALA B 121 -3.11 7.44 -10.20
CA ALA B 121 -1.75 6.90 -10.24
C ALA B 121 -1.32 6.64 -11.69
N LEU B 122 -2.22 6.12 -12.51
CA LEU B 122 -1.90 5.92 -13.91
C LEU B 122 -1.53 7.24 -14.58
N MET B 123 -2.32 8.30 -14.31
CA MET B 123 -2.02 9.59 -14.92
C MET B 123 -0.62 10.07 -14.55
N LYS B 124 -0.27 10.00 -13.26
CA LYS B 124 1.07 10.42 -12.83
C LYS B 124 2.15 9.59 -13.51
N ALA B 125 1.92 8.28 -13.66
CA ALA B 125 2.89 7.44 -14.35
C ALA B 125 3.01 7.83 -15.82
N VAL B 126 1.89 8.04 -16.50
CA VAL B 126 1.96 8.44 -17.89
C VAL B 126 2.70 9.77 -18.01
N ALA B 127 2.45 10.70 -17.09
CA ALA B 127 3.08 12.02 -17.17
C ALA B 127 4.59 11.96 -16.92
N THR B 128 5.04 11.07 -16.04
CA THR B 128 6.40 11.14 -15.53
C THR B 128 7.30 9.97 -15.93
N VAL B 129 6.73 8.88 -16.44
CA VAL B 129 7.49 7.69 -16.81
C VAL B 129 7.61 7.54 -18.32
N GLY B 130 6.50 7.66 -19.04
CA GLY B 130 6.47 7.34 -20.44
C GLY B 130 5.24 6.50 -20.75
N PRO B 131 5.19 5.92 -21.95
CA PRO B 131 4.10 5.00 -22.29
C PRO B 131 4.00 3.86 -21.29
N ILE B 132 2.78 3.48 -20.98
CA ILE B 132 2.47 2.50 -19.94
C ILE B 132 1.67 1.35 -20.54
N SER B 133 2.07 0.12 -20.22
CA SER B 133 1.29 -1.06 -20.59
C SER B 133 0.05 -1.15 -19.72
N VAL B 134 -1.11 -1.41 -20.36
CA VAL B 134 -2.36 -1.57 -19.63
C VAL B 134 -3.13 -2.73 -20.21
N ALA B 135 -3.99 -3.31 -19.38
CA ALA B 135 -4.97 -4.30 -19.79
C ALA B 135 -6.35 -3.65 -19.81
N ILE B 136 -7.14 -3.94 -20.84
CA ILE B 136 -8.50 -3.42 -20.91
C ILE B 136 -9.47 -4.54 -21.28
N ASP B 137 -10.73 -4.32 -20.94
CA ASP B 137 -11.86 -5.07 -21.47
C ASP B 137 -12.14 -4.59 -22.89
N ALA B 138 -11.67 -5.35 -23.88
CA ALA B 138 -11.96 -5.05 -25.28
C ALA B 138 -12.95 -6.03 -25.89
N GLY B 139 -13.68 -6.77 -25.06
CA GLY B 139 -14.49 -7.87 -25.54
C GLY B 139 -15.91 -7.46 -25.88
N HIS B 140 -16.02 -6.35 -26.59
CA HIS B 140 -17.29 -5.81 -27.05
C HIS B 140 -17.13 -5.40 -28.50
N GLU B 141 -18.15 -5.67 -29.31
CA GLU B 141 -18.06 -5.32 -30.72
C GLU B 141 -17.86 -3.81 -30.92
N SER B 142 -18.31 -2.99 -29.96
CA SER B 142 -18.08 -1.55 -30.08
C SER B 142 -16.59 -1.25 -30.17
N PHE B 143 -15.75 -2.03 -29.47
CA PHE B 143 -14.31 -1.83 -29.57
C PHE B 143 -13.79 -2.28 -30.93
N LEU B 144 -14.21 -3.47 -31.37
CA LEU B 144 -13.80 -3.95 -32.69
C LEU B 144 -14.13 -2.95 -33.78
N PHE B 145 -15.30 -2.33 -33.68
CA PHE B 145 -15.80 -1.43 -34.72
C PHE B 145 -15.38 0.02 -34.51
N TYR B 146 -14.59 0.31 -33.47
CA TYR B 146 -14.27 1.70 -33.15
C TYR B 146 -13.57 2.39 -34.31
N LYS B 147 -13.98 3.64 -34.57
CA LYS B 147 -13.42 4.39 -35.69
C LYS B 147 -12.88 5.75 -35.24
N GLU B 148 -13.63 6.49 -34.41
CA GLU B 148 -13.22 7.82 -33.96
C GLU B 148 -13.99 8.16 -32.68
N GLY B 149 -13.51 9.17 -31.96
CA GLY B 149 -14.22 9.67 -30.79
C GLY B 149 -13.71 9.10 -29.49
N ILE B 150 -14.39 9.49 -28.41
CA ILE B 150 -14.07 9.01 -27.07
C ILE B 150 -14.83 7.71 -26.84
N TYR B 151 -14.10 6.62 -26.65
CA TYR B 151 -14.69 5.32 -26.51
C TYR B 151 -15.27 5.14 -25.10
N PHE B 152 -16.57 4.89 -25.04
CA PHE B 152 -17.23 4.53 -23.81
C PHE B 152 -18.22 3.41 -24.12
N GLU B 153 -18.06 2.27 -23.46
CA GLU B 153 -18.95 1.13 -23.62
C GLU B 153 -19.69 0.87 -22.30
N PRO B 154 -21.00 1.05 -22.24
CA PRO B 154 -21.69 0.87 -20.93
C PRO B 154 -21.56 -0.52 -20.33
N ASP B 155 -21.29 -1.56 -21.12
CA ASP B 155 -21.12 -2.90 -20.61
C ASP B 155 -19.67 -3.25 -20.32
N CYS B 156 -18.78 -2.26 -20.36
CA CYS B 156 -17.37 -2.55 -20.10
C CYS B 156 -17.16 -2.90 -18.64
N SER B 157 -16.22 -3.82 -18.41
CA SER B 157 -15.87 -4.26 -17.06
C SER B 157 -14.64 -3.52 -16.59
N SER B 158 -14.66 -3.07 -15.33
CA SER B 158 -13.49 -2.47 -14.71
C SER B 158 -12.61 -3.51 -14.03
N GLU B 159 -13.05 -4.76 -14.00
CA GLU B 159 -12.36 -5.82 -13.27
C GLU B 159 -11.83 -6.93 -14.17
N ASP B 160 -12.51 -7.23 -15.28
CA ASP B 160 -12.18 -8.37 -16.14
C ASP B 160 -11.70 -7.86 -17.48
N MET B 161 -10.38 -7.88 -17.69
CA MET B 161 -9.76 -7.38 -18.89
C MET B 161 -9.23 -8.54 -19.72
N ASP B 162 -9.14 -8.35 -21.03
CA ASP B 162 -8.76 -9.43 -21.94
C ASP B 162 -7.81 -8.99 -23.05
N HIS B 163 -7.32 -7.76 -23.04
CA HIS B 163 -6.53 -7.23 -24.15
C HIS B 163 -5.50 -6.25 -23.62
N GLY B 164 -4.23 -6.43 -24.03
CA GLY B 164 -3.15 -5.56 -23.61
C GLY B 164 -2.86 -4.52 -24.66
N VAL B 165 -2.74 -3.26 -24.21
CA VAL B 165 -2.50 -2.12 -25.10
C VAL B 165 -1.55 -1.15 -24.42
N LEU B 166 -1.34 0.03 -24.99
CA LEU B 166 -0.31 0.94 -24.53
C LEU B 166 -0.88 2.35 -24.41
N VAL B 167 -0.85 2.91 -23.20
CA VAL B 167 -1.22 4.30 -23.01
C VAL B 167 -0.02 5.19 -23.34
N VAL B 168 -0.16 6.02 -24.37
CA VAL B 168 0.90 6.94 -24.77
C VAL B 168 0.62 8.38 -24.38
N GLY B 169 -0.52 8.65 -23.76
CA GLY B 169 -0.84 10.01 -23.38
C GLY B 169 -2.25 10.11 -22.85
N TYR B 170 -2.68 11.35 -22.65
CA TYR B 170 -4.05 11.63 -22.24
C TYR B 170 -4.38 13.07 -22.61
N GLY B 171 -5.68 13.37 -22.63
CA GLY B 171 -6.10 14.68 -23.02
C GLY B 171 -7.49 14.99 -22.53
N PHE B 172 -8.03 16.10 -23.03
CA PHE B 172 -9.25 16.67 -22.50
C PHE B 172 -10.09 17.18 -23.66
N GLU B 173 -11.35 17.45 -23.34
CA GLU B 173 -12.29 18.04 -24.29
C GLU B 173 -11.99 19.52 -24.50
N SER B 174 -11.90 20.28 -23.41
CA SER B 174 -11.45 21.66 -23.43
C SER B 174 -10.80 21.95 -22.08
N THR B 175 -10.17 23.12 -21.98
CA THR B 175 -9.33 23.40 -20.82
C THR B 175 -10.13 23.43 -19.52
N GLU B 176 -11.42 23.77 -19.58
CA GLU B 176 -12.21 23.99 -18.38
C GLU B 176 -13.29 22.95 -18.17
N SER B 177 -13.29 21.86 -18.94
CA SER B 177 -14.33 20.84 -18.85
C SER B 177 -13.78 19.56 -18.21
N ASP B 178 -14.59 18.98 -17.32
CA ASP B 178 -14.29 17.65 -16.77
C ASP B 178 -14.84 16.52 -17.62
N ASN B 179 -15.68 16.84 -18.61
CA ASN B 179 -16.32 15.81 -19.42
C ASN B 179 -15.38 15.31 -20.50
N ASN B 180 -15.46 14.01 -20.77
CA ASN B 180 -14.88 13.42 -21.97
C ASN B 180 -13.37 13.63 -22.03
N LYS B 181 -12.72 13.51 -20.87
CA LYS B 181 -11.28 13.32 -20.85
C LYS B 181 -10.97 11.95 -21.41
N TYR B 182 -9.74 11.76 -21.88
CA TYR B 182 -9.42 10.48 -22.49
C TYR B 182 -7.99 10.07 -22.27
N TRP B 183 -7.79 8.76 -22.31
CA TRP B 183 -6.49 8.15 -22.44
C TRP B 183 -6.20 7.94 -23.92
N LEU B 184 -5.00 8.30 -24.36
CA LEU B 184 -4.58 8.06 -25.73
C LEU B 184 -3.90 6.70 -25.80
N VAL B 185 -4.48 5.78 -26.54
CA VAL B 185 -4.12 4.36 -26.46
C VAL B 185 -3.71 3.85 -27.83
N LYS B 186 -2.52 3.27 -27.90
CA LYS B 186 -1.98 2.59 -29.07
C LYS B 186 -2.43 1.13 -29.03
N ASN B 187 -3.08 0.70 -30.09
CA ASN B 187 -3.46 -0.70 -30.24
C ASN B 187 -2.50 -1.39 -31.20
N SER B 188 -2.68 -2.68 -31.38
CA SER B 188 -1.80 -3.47 -32.23
C SER B 188 -2.59 -4.25 -33.27
N TRP B 189 -3.59 -3.59 -33.84
CA TRP B 189 -4.45 -4.19 -34.86
C TRP B 189 -4.26 -3.51 -36.21
N GLY B 190 -3.11 -2.85 -36.41
CA GLY B 190 -2.83 -2.13 -37.64
C GLY B 190 -3.44 -0.75 -37.64
N GLU B 191 -3.05 0.04 -38.64
CA GLU B 191 -3.50 1.44 -38.64
C GLU B 191 -4.85 1.65 -39.30
N GLU B 192 -5.42 0.63 -39.94
N GLU B 192 -5.43 0.62 -39.97
CA GLU B 192 -6.76 0.78 -40.49
CA GLU B 192 -6.79 0.75 -40.48
C GLU B 192 -7.83 0.73 -39.39
C GLU B 192 -7.79 0.82 -39.35
N TRP B 193 -7.56 0.09 -38.27
CA TRP B 193 -8.47 0.09 -37.14
C TRP B 193 -8.40 1.42 -36.39
N GLY B 194 -9.56 1.89 -35.96
CA GLY B 194 -9.61 3.07 -35.14
C GLY B 194 -9.08 4.30 -35.86
N MET B 195 -8.41 5.14 -35.08
CA MET B 195 -7.87 6.43 -35.51
C MET B 195 -6.39 6.23 -35.78
N GLY B 196 -6.09 5.77 -37.00
CA GLY B 196 -4.72 5.42 -37.32
C GLY B 196 -4.13 4.33 -36.45
N GLY B 197 -4.97 3.49 -35.86
CA GLY B 197 -4.50 2.44 -34.96
C GLY B 197 -4.61 2.80 -33.49
N TYR B 198 -5.09 4.00 -33.20
CA TYR B 198 -5.23 4.53 -31.84
C TYR B 198 -6.70 4.62 -31.46
N VAL B 199 -6.94 4.64 -30.15
CA VAL B 199 -8.28 4.83 -29.61
C VAL B 199 -8.16 5.79 -28.44
N LYS B 200 -9.11 6.71 -28.33
CA LYS B 200 -9.24 7.57 -27.16
C LYS B 200 -10.25 6.89 -26.23
N MET B 201 -9.78 6.45 -25.07
N MET B 201 -9.75 6.43 -25.08
CA MET B 201 -10.64 5.74 -24.13
CA MET B 201 -10.56 5.72 -24.08
C MET B 201 -10.97 6.62 -22.95
C MET B 201 -10.98 6.68 -22.97
N ALA B 202 -12.25 6.56 -22.53
CA ALA B 202 -12.76 7.43 -21.47
C ALA B 202 -11.87 7.36 -20.25
N LYS B 203 -11.49 8.54 -19.74
CA LYS B 203 -10.61 8.72 -18.61
C LYS B 203 -11.38 9.37 -17.46
N ASP B 204 -11.09 8.91 -16.24
CA ASP B 204 -11.72 9.42 -15.03
C ASP B 204 -13.23 9.21 -15.04
N ARG B 205 -13.64 8.09 -15.61
CA ARG B 205 -15.04 7.63 -15.58
C ARG B 205 -15.08 6.26 -14.92
N ARG B 206 -14.77 6.22 -13.62
CA ARG B 206 -14.83 5.00 -12.82
C ARG B 206 -13.96 3.88 -13.42
N ASN B 207 -12.74 4.24 -13.83
CA ASN B 207 -11.79 3.24 -14.31
C ASN B 207 -12.40 2.42 -15.45
N HIS B 208 -12.78 3.14 -16.49
CA HIS B 208 -13.56 2.54 -17.57
C HIS B 208 -12.77 1.46 -18.30
N CYS B 209 -13.42 0.31 -18.48
CA CYS B 209 -12.84 -0.86 -19.13
C CYS B 209 -11.60 -1.39 -18.40
N GLY B 210 -11.40 -0.99 -17.15
CA GLY B 210 -10.32 -1.54 -16.35
C GLY B 210 -8.95 -1.01 -16.68
N ILE B 211 -8.84 0.13 -17.33
CA ILE B 211 -7.55 0.55 -17.88
C ILE B 211 -6.52 0.76 -16.78
N ALA B 212 -6.95 1.07 -15.56
CA ALA B 212 -6.03 1.29 -14.45
C ALA B 212 -5.93 0.08 -13.53
N SER B 213 -6.51 -1.04 -13.90
CA SER B 213 -6.56 -2.18 -13.00
C SER B 213 -5.32 -3.06 -13.09
N ALA B 214 -4.56 -2.98 -14.18
CA ALA B 214 -3.38 -3.83 -14.37
C ALA B 214 -2.37 -3.10 -15.23
N ALA B 215 -1.99 -1.89 -14.82
CA ALA B 215 -1.03 -1.07 -15.56
C ALA B 215 0.39 -1.30 -15.05
N SER B 216 1.34 -1.40 -15.98
CA SER B 216 2.71 -1.66 -15.57
C SER B 216 3.69 -1.16 -16.62
N TYR B 217 4.98 -1.17 -16.25
CA TYR B 217 6.03 -0.77 -17.17
C TYR B 217 7.35 -1.36 -16.69
N PRO B 218 8.33 -1.48 -17.58
CA PRO B 218 9.60 -2.11 -17.20
C PRO B 218 10.54 -1.15 -16.51
N THR B 219 11.32 -1.72 -15.58
CA THR B 219 12.37 -1.00 -14.86
C THR B 219 13.61 -0.90 -15.74
N VAL B 220 13.96 0.32 -16.13
CA VAL B 220 15.08 0.56 -17.01
C VAL B 220 15.87 1.74 -16.47
N ALA C 1 -22.77 4.30 31.10
CA ALA C 1 -22.25 3.84 29.78
C ALA C 1 -21.42 2.58 29.97
N PRO C 2 -21.37 1.72 28.94
CA PRO C 2 -20.53 0.52 29.02
C PRO C 2 -19.07 0.92 29.25
N ARG C 3 -18.28 -0.03 29.77
CA ARG C 3 -16.88 0.25 30.00
C ARG C 3 -16.04 0.13 28.73
N SER C 4 -16.52 -0.57 27.71
CA SER C 4 -15.89 -0.54 26.40
C SER C 4 -16.94 -0.61 25.31
N VAL C 5 -16.61 -0.05 24.16
CA VAL C 5 -17.51 0.01 23.01
C VAL C 5 -16.69 -0.17 21.75
N ASP C 6 -17.22 -0.95 20.79
CA ASP C 6 -16.58 -1.03 19.47
C ASP C 6 -17.68 -1.20 18.43
N TRP C 7 -18.03 -0.10 17.76
CA TRP C 7 -19.12 -0.11 16.80
C TRP C 7 -18.82 -0.93 15.56
N ARG C 8 -17.55 -1.28 15.31
CA ARG C 8 -17.24 -2.11 14.16
C ARG C 8 -17.89 -3.48 14.30
N GLU C 9 -17.94 -4.01 15.52
CA GLU C 9 -18.52 -5.33 15.74
C GLU C 9 -20.02 -5.36 15.55
N LYS C 10 -20.67 -4.19 15.47
CA LYS C 10 -22.11 -4.11 15.29
C LYS C 10 -22.52 -3.72 13.89
N GLY C 11 -21.56 -3.58 12.97
CA GLY C 11 -21.86 -3.34 11.58
C GLY C 11 -21.94 -1.89 11.18
N TYR C 12 -21.47 -0.97 12.01
CA TYR C 12 -21.64 0.44 11.74
C TYR C 12 -20.56 1.04 10.87
N VAL C 13 -19.45 0.35 10.59
CA VAL C 13 -18.24 0.99 10.10
C VAL C 13 -17.74 0.31 8.82
N THR C 14 -17.51 1.10 7.78
CA THR C 14 -16.94 0.61 6.54
C THR C 14 -15.43 0.38 6.70
N PRO C 15 -14.81 -0.31 5.74
CA PRO C 15 -13.35 -0.45 5.80
C PRO C 15 -12.64 0.89 5.77
N VAL C 16 -11.36 0.85 6.16
CA VAL C 16 -10.53 2.05 6.14
C VAL C 16 -10.29 2.51 4.71
N LYS C 17 -10.40 3.82 4.51
CA LYS C 17 -10.21 4.49 3.23
C LYS C 17 -8.92 5.30 3.28
N ASN C 18 -8.53 5.86 2.14
CA ASN C 18 -7.28 6.62 2.07
C ASN C 18 -7.56 7.90 1.31
N GLN C 19 -7.44 9.03 2.00
CA GLN C 19 -7.66 10.33 1.39
C GLN C 19 -6.54 10.76 0.45
N GLY C 20 -5.43 10.02 0.37
CA GLY C 20 -4.35 10.41 -0.51
C GLY C 20 -3.73 11.72 -0.08
N GLN C 21 -3.20 12.46 -1.07
CA GLN C 21 -2.53 13.74 -0.83
C GLN C 21 -3.47 14.93 -0.96
N CYS C 22 -4.73 14.74 -0.60
CA CYS C 22 -5.76 15.77 -0.64
C CYS C 22 -6.18 16.04 0.80
N GLY C 23 -6.30 17.32 1.16
CA GLY C 23 -6.68 17.69 2.51
C GLY C 23 -8.16 17.53 2.80
N SER C 24 -8.67 16.32 2.59
CA SER C 24 -10.09 16.01 2.62
C SER C 24 -10.50 15.18 3.84
N CYS C 25 -9.69 15.22 4.90
CA CYS C 25 -9.98 14.43 6.10
C CYS C 25 -11.38 14.71 6.64
N TRP C 26 -11.82 15.97 6.57
CA TRP C 26 -13.16 16.35 7.03
C TRP C 26 -14.25 15.56 6.29
N ALA C 27 -14.05 15.27 5.01
CA ALA C 27 -15.05 14.55 4.25
C ALA C 27 -15.10 13.07 4.65
N PHE C 28 -13.93 12.48 4.97
CA PHE C 28 -13.90 11.09 5.42
C PHE C 28 -14.47 10.95 6.82
N SER C 29 -14.17 11.89 7.72
CA SER C 29 -14.82 11.88 9.02
C SER C 29 -16.33 12.00 8.86
N ALA C 30 -16.79 12.89 7.99
CA ALA C 30 -18.23 13.09 7.81
C ALA C 30 -18.90 11.86 7.22
N THR C 31 -18.33 11.27 6.17
CA THR C 31 -18.97 10.07 5.63
C THR C 31 -18.96 8.94 6.65
N GLY C 32 -17.91 8.86 7.47
CA GLY C 32 -17.88 7.81 8.47
C GLY C 32 -19.00 7.94 9.47
N ALA C 33 -19.24 9.16 9.96
CA ALA C 33 -20.32 9.37 10.90
C ALA C 33 -21.67 9.16 10.25
N LEU C 34 -21.82 9.58 8.98
CA LEU C 34 -23.10 9.37 8.29
C LEU C 34 -23.31 7.91 7.92
N GLU C 35 -22.24 7.18 7.57
CA GLU C 35 -22.36 5.74 7.37
C GLU C 35 -22.91 5.04 8.61
N GLY C 36 -22.42 5.43 9.78
CA GLY C 36 -22.89 4.85 11.00
C GLY C 36 -24.34 5.18 11.30
N GLN C 37 -24.73 6.45 11.12
CA GLN C 37 -26.10 6.82 11.46
C GLN C 37 -27.10 6.28 10.45
N MET C 38 -26.74 6.20 9.17
CA MET C 38 -27.63 5.56 8.20
C MET C 38 -27.83 4.09 8.54
N PHE C 39 -26.75 3.38 8.91
CA PHE C 39 -26.88 1.98 9.30
C PHE C 39 -27.75 1.85 10.55
N ARG C 40 -27.51 2.71 11.55
CA ARG C 40 -28.39 2.75 12.71
C ARG C 40 -29.86 2.92 12.34
N LYS C 41 -30.13 3.77 11.34
CA LYS C 41 -31.51 4.02 10.96
C LYS C 41 -32.11 2.87 10.15
N THR C 42 -31.32 2.27 9.25
CA THR C 42 -31.84 1.36 8.24
C THR C 42 -31.35 -0.08 8.36
N GLY C 43 -30.23 -0.32 9.01
CA GLY C 43 -29.63 -1.65 8.95
C GLY C 43 -28.81 -1.90 7.71
N ARG C 44 -28.61 -0.89 6.87
CA ARG C 44 -27.81 -1.01 5.65
C ARG C 44 -26.56 -0.16 5.78
N LEU C 45 -25.41 -0.80 5.64
CA LEU C 45 -24.11 -0.12 5.61
C LEU C 45 -23.72 0.10 4.16
N ILE C 46 -23.63 1.37 3.76
CA ILE C 46 -23.30 1.75 2.39
C ILE C 46 -22.20 2.80 2.43
N SER C 47 -21.09 2.53 1.75
CA SER C 47 -20.00 3.49 1.70
C SER C 47 -20.44 4.73 0.92
N LEU C 48 -20.17 5.91 1.48
CA LEU C 48 -20.62 7.18 0.94
C LEU C 48 -19.48 7.96 0.28
N SER C 49 -19.85 8.91 -0.58
CA SER C 49 -18.91 9.56 -1.48
C SER C 49 -18.25 10.77 -0.83
N GLU C 50 -16.96 10.63 -0.50
CA GLU C 50 -16.20 11.81 -0.09
C GLU C 50 -16.02 12.79 -1.25
N GLN C 51 -15.90 12.29 -2.48
CA GLN C 51 -15.73 13.18 -3.62
C GLN C 51 -16.93 14.10 -3.77
N ASN C 52 -18.13 13.57 -3.53
CA ASN C 52 -19.35 14.39 -3.56
C ASN C 52 -19.22 15.57 -2.63
N LEU C 53 -18.73 15.33 -1.41
CA LEU C 53 -18.52 16.41 -0.46
C LEU C 53 -17.44 17.38 -0.94
N VAL C 54 -16.33 16.83 -1.45
CA VAL C 54 -15.22 17.69 -1.87
C VAL C 54 -15.65 18.63 -2.99
N ASP C 55 -16.42 18.12 -3.95
CA ASP C 55 -16.79 18.89 -5.12
C ASP C 55 -17.98 19.81 -4.90
N CYS C 56 -18.83 19.55 -3.90
CA CYS C 56 -20.16 20.15 -3.89
C CYS C 56 -20.50 20.97 -2.66
N SER C 57 -19.77 20.84 -1.55
CA SER C 57 -20.15 21.49 -0.30
C SER C 57 -19.41 22.80 -0.04
N GLY C 58 -18.85 23.44 -1.10
CA GLY C 58 -18.33 24.77 -0.96
C GLY C 58 -19.32 25.81 -0.44
N PRO C 59 -20.58 25.79 -0.91
CA PRO C 59 -21.53 26.80 -0.41
C PRO C 59 -21.76 26.74 1.09
N GLN C 60 -21.50 25.58 1.72
CA GLN C 60 -21.63 25.42 3.16
C GLN C 60 -20.37 25.80 3.92
N GLY C 61 -19.29 26.14 3.21
CA GLY C 61 -18.06 26.59 3.84
C GLY C 61 -16.85 25.70 3.64
N ASN C 62 -17.00 24.55 3.00
CA ASN C 62 -15.88 23.66 2.79
C ASN C 62 -15.05 24.13 1.61
N GLU C 63 -13.80 23.71 1.60
CA GLU C 63 -12.82 24.15 0.61
C GLU C 63 -12.07 22.96 0.02
N GLY C 64 -12.79 21.87 -0.19
CA GLY C 64 -12.24 20.76 -0.95
C GLY C 64 -10.98 20.21 -0.32
N CYS C 65 -9.92 20.12 -1.13
CA CYS C 65 -8.65 19.58 -0.65
C CYS C 65 -7.90 20.59 0.22
N ASN C 66 -8.40 21.83 0.33
CA ASN C 66 -7.79 22.85 1.17
C ASN C 66 -8.43 22.92 2.55
N GLY C 67 -9.25 21.95 2.92
CA GLY C 67 -9.81 21.89 4.25
C GLY C 67 -11.33 22.06 4.25
N GLY C 68 -11.90 21.78 5.41
CA GLY C 68 -13.34 21.82 5.59
C GLY C 68 -13.68 21.38 7.01
N LEU C 69 -14.98 21.24 7.27
CA LEU C 69 -15.44 20.87 8.59
C LEU C 69 -16.58 19.86 8.45
N MET C 70 -16.65 18.93 9.39
CA MET C 70 -17.67 17.88 9.30
C MET C 70 -19.06 18.48 9.40
N ASP C 71 -19.26 19.48 10.27
CA ASP C 71 -20.58 20.08 10.39
C ASP C 71 -21.01 20.72 9.07
N TYR C 72 -20.06 21.34 8.35
CA TYR C 72 -20.40 21.91 7.05
C TYR C 72 -20.87 20.81 6.10
N ALA C 73 -20.23 19.64 6.14
CA ALA C 73 -20.64 18.55 5.27
C ALA C 73 -22.03 18.03 5.65
N PHE C 74 -22.31 17.89 6.94
CA PHE C 74 -23.65 17.47 7.34
C PHE C 74 -24.69 18.48 6.87
N GLN C 75 -24.36 19.77 6.94
CA GLN C 75 -25.26 20.80 6.48
C GLN C 75 -25.50 20.70 4.97
N TYR C 76 -24.44 20.39 4.21
CA TYR C 76 -24.59 20.17 2.77
C TYR C 76 -25.57 19.05 2.48
N VAL C 77 -25.40 17.91 3.16
CA VAL C 77 -26.30 16.80 2.89
C VAL C 77 -27.75 17.21 3.13
N GLN C 78 -28.00 17.95 4.22
CA GLN C 78 -29.36 18.41 4.49
C GLN C 78 -29.84 19.38 3.42
N ASP C 79 -29.03 20.42 3.12
CA ASP C 79 -29.39 21.40 2.11
C ASP C 79 -29.67 20.74 0.77
N ASN C 80 -28.81 19.79 0.39
CA ASN C 80 -28.81 19.17 -0.93
C ASN C 80 -29.88 18.11 -1.10
N GLY C 81 -30.40 17.58 0.01
CA GLY C 81 -31.38 16.53 -0.06
C GLY C 81 -30.82 15.16 -0.33
N GLY C 82 -29.51 14.96 -0.22
CA GLY C 82 -28.97 13.64 -0.44
C GLY C 82 -27.47 13.66 -0.57
N LEU C 83 -26.92 12.46 -0.67
CA LEU C 83 -25.48 12.24 -0.82
C LEU C 83 -25.32 10.95 -1.59
N ASP C 84 -24.45 10.98 -2.59
CA ASP C 84 -24.26 9.81 -3.44
C ASP C 84 -23.39 8.75 -2.76
N SER C 85 -23.53 7.52 -3.23
CA SER C 85 -22.71 6.42 -2.77
C SER C 85 -21.29 6.56 -3.29
N GLU C 86 -20.35 5.99 -2.53
CA GLU C 86 -18.97 5.89 -2.97
C GLU C 86 -18.88 5.21 -4.33
N GLU C 87 -19.69 4.17 -4.56
CA GLU C 87 -19.61 3.44 -5.81
C GLU C 87 -20.02 4.32 -7.00
N SER C 88 -21.06 5.13 -6.83
CA SER C 88 -21.56 5.95 -7.92
C SER C 88 -20.70 7.18 -8.19
N TYR C 89 -19.93 7.60 -7.20
CA TYR C 89 -19.22 8.88 -7.23
C TYR C 89 -17.90 8.68 -6.49
N PRO C 90 -17.00 7.89 -7.05
CA PRO C 90 -15.81 7.46 -6.30
C PRO C 90 -14.77 8.54 -6.16
N TYR C 91 -13.78 8.26 -5.32
CA TYR C 91 -12.87 9.28 -4.81
C TYR C 91 -11.73 9.55 -5.79
N GLU C 92 -11.55 10.83 -6.15
CA GLU C 92 -10.51 11.23 -7.10
C GLU C 92 -9.32 11.94 -6.45
N ALA C 93 -9.41 12.30 -5.18
CA ALA C 93 -8.31 12.95 -4.46
C ALA C 93 -7.91 14.30 -5.05
N THR C 94 -8.82 14.94 -5.78
CA THR C 94 -8.63 16.31 -6.24
C THR C 94 -10.01 16.91 -6.46
N GLU C 95 -10.10 18.23 -6.31
CA GLU C 95 -11.40 18.90 -6.38
C GLU C 95 -11.78 19.20 -7.83
N GLU C 96 -13.04 18.97 -8.16
CA GLU C 96 -13.56 19.30 -9.48
C GLU C 96 -15.01 19.75 -9.33
N SER C 97 -15.64 20.08 -10.45
CA SER C 97 -17.01 20.57 -10.37
C SER C 97 -17.94 19.49 -9.82
N CYS C 98 -19.06 19.94 -9.27
N CYS C 98 -19.06 19.96 -9.26
CA CYS C 98 -19.99 19.04 -8.60
CA CYS C 98 -20.07 19.08 -8.67
C CYS C 98 -20.75 18.18 -9.62
C CYS C 98 -20.69 18.17 -9.71
N LYS C 99 -20.70 16.86 -9.41
CA LYS C 99 -21.36 15.89 -10.28
C LYS C 99 -22.44 15.11 -9.54
N TYR C 100 -22.99 15.69 -8.48
CA TYR C 100 -24.05 15.04 -7.72
C TYR C 100 -25.22 14.65 -8.61
N ASN C 101 -25.71 13.44 -8.41
CA ASN C 101 -26.84 12.89 -9.16
C ASN C 101 -27.86 12.38 -8.15
N PRO C 102 -29.05 12.99 -8.04
CA PRO C 102 -29.98 12.57 -7.01
C PRO C 102 -30.45 11.13 -7.17
N LYS C 103 -30.40 10.58 -8.39
CA LYS C 103 -30.85 9.21 -8.57
C LYS C 103 -29.96 8.21 -7.82
N TYR C 104 -28.72 8.58 -7.51
CA TYR C 104 -27.82 7.69 -6.78
C TYR C 104 -27.61 8.13 -5.33
N SER C 105 -28.47 9.00 -4.81
CA SER C 105 -28.38 9.32 -3.40
C SER C 105 -28.74 8.10 -2.56
N VAL C 106 -27.96 7.85 -1.50
CA VAL C 106 -28.21 6.73 -0.61
C VAL C 106 -28.26 7.16 0.85
N ALA C 107 -28.12 8.44 1.13
CA ALA C 107 -28.09 8.92 2.50
C ALA C 107 -28.73 10.29 2.56
N ASN C 108 -29.08 10.68 3.78
CA ASN C 108 -29.83 11.88 4.06
C ASN C 108 -29.49 12.28 5.48
N ASP C 109 -29.59 13.56 5.78
CA ASP C 109 -29.63 13.93 7.19
C ASP C 109 -30.43 15.21 7.33
N ALA C 110 -30.85 15.47 8.56
CA ALA C 110 -31.72 16.57 8.89
C ALA C 110 -31.04 17.55 9.83
N GLY C 111 -29.73 17.71 9.69
CA GLY C 111 -28.95 18.55 10.57
C GLY C 111 -27.89 17.74 11.28
N PHE C 112 -27.39 18.29 12.38
CA PHE C 112 -26.29 17.68 13.10
C PHE C 112 -26.40 18.10 14.56
N VAL C 113 -25.67 17.36 15.40
CA VAL C 113 -25.63 17.60 16.82
C VAL C 113 -24.18 17.83 17.21
N ASP C 114 -23.90 18.96 17.83
CA ASP C 114 -22.58 19.22 18.40
C ASP C 114 -22.55 18.82 19.87
N ILE C 115 -21.46 18.15 20.26
CA ILE C 115 -21.31 17.59 21.60
C ILE C 115 -20.55 18.59 22.46
N PRO C 116 -20.88 18.74 23.74
CA PRO C 116 -20.11 19.64 24.61
C PRO C 116 -18.64 19.25 24.67
N LYS C 117 -17.79 20.25 24.95
CA LYS C 117 -16.34 20.08 24.87
C LYS C 117 -15.80 19.38 26.12
N GLN C 118 -16.26 18.14 26.31
CA GLN C 118 -15.94 17.36 27.49
C GLN C 118 -15.76 15.91 27.07
N GLU C 119 -14.71 15.24 27.57
CA GLU C 119 -14.53 13.84 27.21
C GLU C 119 -15.63 12.96 27.81
N LYS C 120 -16.21 13.37 28.93
N LYS C 120 -16.20 13.37 28.94
CA LYS C 120 -17.32 12.63 29.52
CA LYS C 120 -17.32 12.61 29.50
C LYS C 120 -18.54 12.67 28.62
C LYS C 120 -18.51 12.65 28.55
N ALA C 121 -18.79 13.82 27.98
CA ALA C 121 -19.89 13.92 27.03
C ALA C 121 -19.57 13.14 25.76
N LEU C 122 -18.32 13.17 25.29
CA LEU C 122 -17.98 12.39 24.12
C LEU C 122 -18.21 10.90 24.39
N MET C 123 -17.85 10.43 25.58
CA MET C 123 -18.09 9.03 25.89
C MET C 123 -19.57 8.68 25.83
N LYS C 124 -20.42 9.53 26.42
CA LYS C 124 -21.84 9.27 26.38
C LYS C 124 -22.37 9.23 24.96
N ALA C 125 -21.89 10.15 24.11
CA ALA C 125 -22.31 10.17 22.70
C ALA C 125 -21.86 8.90 21.98
N VAL C 126 -20.60 8.50 22.15
CA VAL C 126 -20.14 7.27 21.50
C VAL C 126 -20.98 6.08 21.96
N ALA C 127 -21.30 6.01 23.25
CA ALA C 127 -22.01 4.85 23.76
C ALA C 127 -23.47 4.80 23.29
N THR C 128 -24.10 5.96 23.09
CA THR C 128 -25.53 6.00 22.82
C THR C 128 -25.91 6.34 21.38
N VAL C 129 -24.98 6.80 20.56
CA VAL C 129 -25.27 7.30 19.22
C VAL C 129 -24.65 6.42 18.15
N GLY C 130 -23.36 6.11 18.29
CA GLY C 130 -22.62 5.46 17.24
C GLY C 130 -21.30 6.17 17.04
N PRO C 131 -20.64 5.91 15.92
CA PRO C 131 -19.39 6.60 15.62
C PRO C 131 -19.60 8.12 15.59
N ILE C 132 -18.59 8.85 16.04
CA ILE C 132 -18.66 10.29 16.23
C ILE C 132 -17.52 10.97 15.47
N SER C 133 -17.86 11.98 14.67
CA SER C 133 -16.83 12.81 14.04
C SER C 133 -16.12 13.67 15.08
N VAL C 134 -14.79 13.69 15.01
CA VAL C 134 -13.99 14.50 15.93
C VAL C 134 -12.83 15.13 15.18
N ALA C 135 -12.32 16.21 15.75
CA ALA C 135 -11.11 16.88 15.27
C ALA C 135 -9.99 16.71 16.30
N ILE C 136 -8.78 16.46 15.82
CA ILE C 136 -7.64 16.24 16.70
C ILE C 136 -6.44 17.02 16.16
N ASP C 137 -5.52 17.30 17.08
CA ASP C 137 -4.17 17.75 16.72
C ASP C 137 -3.39 16.53 16.25
N ALA C 138 -3.20 16.41 14.93
CA ALA C 138 -2.38 15.33 14.37
C ALA C 138 -1.04 15.84 13.86
N GLY C 139 -0.68 17.07 14.20
CA GLY C 139 0.48 17.73 13.60
C GLY C 139 1.78 17.44 14.28
N HIS C 140 2.02 16.17 14.58
CA HIS C 140 3.27 15.76 15.19
C HIS C 140 3.72 14.47 14.52
N GLU C 141 5.04 14.31 14.38
CA GLU C 141 5.52 13.14 13.63
C GLU C 141 5.20 11.84 14.35
N SER C 142 5.10 11.87 15.69
CA SER C 142 4.69 10.68 16.42
C SER C 142 3.35 10.15 15.89
N PHE C 143 2.46 11.03 15.44
CA PHE C 143 1.21 10.56 14.85
C PHE C 143 1.46 9.94 13.48
N LEU C 144 2.30 10.58 12.66
CA LEU C 144 2.63 10.01 11.37
C LEU C 144 3.19 8.60 11.52
N PHE C 145 4.00 8.38 12.55
CA PHE C 145 4.77 7.15 12.72
C PHE C 145 4.05 6.11 13.56
N TYR C 146 2.84 6.41 14.03
CA TYR C 146 2.14 5.52 14.95
C TYR C 146 1.88 4.16 14.34
N LYS C 147 2.04 3.12 15.14
CA LYS C 147 1.88 1.75 14.68
C LYS C 147 1.03 0.92 15.61
N GLU C 148 1.25 1.03 16.92
N GLU C 148 1.27 0.98 16.92
CA GLU C 148 0.58 0.20 17.93
CA GLU C 148 0.49 0.21 17.89
C GLU C 148 0.55 0.95 19.25
C GLU C 148 0.57 0.91 19.24
N GLY C 149 -0.39 0.59 20.10
CA GLY C 149 -0.41 1.07 21.48
C GLY C 149 -1.33 2.25 21.67
N ILE C 150 -1.29 2.81 22.88
CA ILE C 150 -2.11 3.97 23.20
C ILE C 150 -1.30 5.22 22.88
N TYR C 151 -1.81 6.01 21.95
CA TYR C 151 -1.10 7.19 21.48
C TYR C 151 -1.16 8.30 22.52
N PHE C 152 0.00 8.83 22.89
CA PHE C 152 0.10 10.00 23.76
C PHE C 152 1.29 10.82 23.31
N GLU C 153 1.05 12.08 23.00
CA GLU C 153 2.09 13.01 22.51
C GLU C 153 2.17 14.20 23.44
N PRO C 154 3.20 14.30 24.28
CA PRO C 154 3.24 15.39 25.29
C PRO C 154 3.03 16.78 24.71
N ASP C 155 3.40 17.01 23.45
CA ASP C 155 3.29 18.32 22.83
C ASP C 155 1.97 18.54 22.09
N CYS C 156 1.00 17.63 22.26
CA CYS C 156 -0.28 17.82 21.60
C CYS C 156 -1.00 19.04 22.17
N SER C 157 -1.83 19.64 21.32
CA SER C 157 -2.66 20.78 21.69
C SER C 157 -4.11 20.35 21.86
N SER C 158 -4.74 20.80 22.95
CA SER C 158 -6.16 20.57 23.18
C SER C 158 -7.04 21.64 22.52
N GLU C 159 -6.44 22.70 22.01
CA GLU C 159 -7.18 23.83 21.46
C GLU C 159 -7.02 23.98 19.96
N ASP C 160 -5.91 23.54 19.39
CA ASP C 160 -5.61 23.72 17.97
C ASP C 160 -5.62 22.36 17.30
N MET C 161 -6.70 22.06 16.59
CA MET C 161 -6.84 20.79 15.88
C MET C 161 -6.69 21.04 14.38
N ASP C 162 -6.18 20.03 13.68
CA ASP C 162 -5.94 20.17 12.25
C ASP C 162 -6.38 18.96 11.44
N HIS C 163 -7.04 17.98 12.03
CA HIS C 163 -7.29 16.72 11.34
C HIS C 163 -8.58 16.11 11.85
N GLY C 164 -9.48 15.76 10.94
CA GLY C 164 -10.76 15.16 11.29
C GLY C 164 -10.72 13.66 11.13
N VAL C 165 -11.23 12.97 12.15
CA VAL C 165 -11.19 11.51 12.22
C VAL C 165 -12.53 11.05 12.81
N LEU C 166 -12.64 9.76 13.13
CA LEU C 166 -13.91 9.17 13.56
C LEU C 166 -13.67 8.28 14.78
N VAL C 167 -14.36 8.57 15.86
CA VAL C 167 -14.30 7.75 17.07
C VAL C 167 -15.32 6.63 16.90
N VAL C 168 -14.86 5.39 16.93
CA VAL C 168 -15.74 4.24 16.73
C VAL C 168 -15.93 3.42 18.00
N GLY C 169 -15.34 3.85 19.10
CA GLY C 169 -15.47 3.12 20.35
C GLY C 169 -14.45 3.64 21.35
N TYR C 170 -14.31 2.88 22.43
CA TYR C 170 -13.35 3.22 23.48
C TYR C 170 -13.13 1.98 24.32
N GLY C 171 -12.07 2.02 25.10
CA GLY C 171 -11.73 0.87 25.91
C GLY C 171 -10.84 1.27 27.06
N PHE C 172 -10.31 0.25 27.73
CA PHE C 172 -9.50 0.44 28.92
C PHE C 172 -8.37 -0.57 28.89
N GLU C 173 -7.38 -0.34 29.75
CA GLU C 173 -6.23 -1.23 29.85
C GLU C 173 -6.54 -2.44 30.70
N SER C 174 -7.21 -2.24 31.85
CA SER C 174 -7.67 -3.34 32.69
C SER C 174 -8.94 -2.95 33.43
N ASN C 179 -5.95 3.48 34.48
CA ASN C 179 -4.85 4.04 33.72
C ASN C 179 -4.93 3.64 32.25
N ASN C 180 -4.52 4.55 31.37
CA ASN C 180 -4.31 4.25 29.96
C ASN C 180 -5.61 3.78 29.29
N LYS C 181 -6.68 4.53 29.50
CA LYS C 181 -7.87 4.33 28.71
C LYS C 181 -7.67 4.93 27.33
N TYR C 182 -8.55 4.58 26.38
CA TYR C 182 -8.31 5.02 25.02
C TYR C 182 -9.61 5.18 24.26
N TRP C 183 -9.56 6.06 23.27
CA TRP C 183 -10.54 6.18 22.21
C TRP C 183 -10.09 5.32 21.04
N LEU C 184 -11.01 4.59 20.44
CA LEU C 184 -10.71 3.81 19.24
C LEU C 184 -11.08 4.67 18.03
N VAL C 185 -10.09 4.99 17.22
CA VAL C 185 -10.20 6.04 16.22
C VAL C 185 -9.87 5.47 14.83
N LYS C 186 -10.80 5.66 13.90
CA LYS C 186 -10.58 5.31 12.50
C LYS C 186 -9.99 6.52 11.79
N ASN C 187 -8.83 6.32 11.15
CA ASN C 187 -8.20 7.35 10.35
C ASN C 187 -8.54 7.10 8.87
N SER C 188 -8.08 8.01 8.01
CA SER C 188 -8.31 7.93 6.57
C SER C 188 -7.00 8.00 5.81
N TRP C 189 -5.98 7.34 6.33
CA TRP C 189 -4.66 7.29 5.71
C TRP C 189 -4.29 5.88 5.23
N GLY C 190 -5.29 5.03 5.01
CA GLY C 190 -5.06 3.68 4.54
C GLY C 190 -4.73 2.70 5.66
N GLU C 191 -4.69 1.43 5.27
CA GLU C 191 -4.50 0.35 6.22
C GLU C 191 -3.07 0.19 6.69
N GLU C 192 -2.10 0.78 6.01
CA GLU C 192 -0.72 0.63 6.43
C GLU C 192 -0.44 1.48 7.67
N TRP C 193 -1.01 2.68 7.72
CA TRP C 193 -0.84 3.52 8.89
C TRP C 193 -1.44 2.87 10.13
N GLY C 194 -0.74 3.01 11.25
CA GLY C 194 -1.30 2.59 12.52
C GLY C 194 -1.66 1.12 12.55
N MET C 195 -2.74 0.83 13.28
N MET C 195 -2.73 0.83 13.28
CA MET C 195 -3.21 -0.54 13.51
CA MET C 195 -3.19 -0.54 13.50
C MET C 195 -4.30 -0.84 12.48
C MET C 195 -4.29 -0.83 12.49
N GLY C 196 -3.89 -1.27 11.30
CA GLY C 196 -4.84 -1.47 10.22
C GLY C 196 -5.61 -0.22 9.88
N GLY C 197 -4.99 0.95 10.06
CA GLY C 197 -5.64 2.22 9.81
C GLY C 197 -6.28 2.86 11.03
N TYR C 198 -6.22 2.20 12.19
CA TYR C 198 -6.82 2.66 13.43
C TYR C 198 -5.75 3.12 14.41
N VAL C 199 -6.15 3.96 15.36
CA VAL C 199 -5.25 4.39 16.42
C VAL C 199 -6.01 4.40 17.73
N LYS C 200 -5.34 3.97 18.80
CA LYS C 200 -5.89 4.08 20.14
C LYS C 200 -5.36 5.37 20.74
N MET C 201 -6.24 6.35 20.93
N MET C 201 -6.23 6.36 20.92
CA MET C 201 -5.87 7.67 21.43
CA MET C 201 -5.80 7.65 21.42
C MET C 201 -6.14 7.77 22.92
C MET C 201 -6.14 7.80 22.89
N ALA C 202 -5.19 8.37 23.65
CA ALA C 202 -5.35 8.54 25.08
C ALA C 202 -6.69 9.16 25.44
N LYS C 203 -7.41 8.51 26.35
CA LYS C 203 -8.73 8.93 26.80
C LYS C 203 -8.66 9.35 28.25
N ASP C 204 -9.33 10.46 28.56
CA ASP C 204 -9.46 10.96 29.92
C ASP C 204 -8.12 11.43 30.48
N ARG C 205 -7.28 11.94 29.58
CA ARG C 205 -6.02 12.59 29.92
C ARG C 205 -6.07 14.02 29.42
N ARG C 206 -6.92 14.84 30.05
CA ARG C 206 -6.94 16.29 29.84
C ARG C 206 -7.32 16.64 28.39
N ASN C 207 -8.30 15.93 27.84
CA ASN C 207 -8.74 16.17 26.47
C ASN C 207 -7.54 16.16 25.52
N HIS C 208 -6.87 15.01 25.50
CA HIS C 208 -5.61 14.91 24.80
C HIS C 208 -5.78 15.08 23.30
N CYS C 209 -4.95 15.96 22.72
CA CYS C 209 -4.97 16.33 21.31
C CYS C 209 -6.29 16.97 20.88
N GLY C 210 -7.14 17.36 21.83
CA GLY C 210 -8.35 18.09 21.52
C GLY C 210 -9.49 17.23 21.03
N ILE C 211 -9.47 15.94 21.34
CA ILE C 211 -10.38 14.99 20.69
C ILE C 211 -11.83 15.30 21.05
N ALA C 212 -12.08 15.96 22.16
CA ALA C 212 -13.44 16.30 22.55
C ALA C 212 -13.78 17.76 22.27
N SER C 213 -12.90 18.51 21.60
CA SER C 213 -13.12 19.94 21.45
C SER C 213 -14.02 20.31 20.27
N ALA C 214 -14.29 19.39 19.35
CA ALA C 214 -15.09 19.67 18.15
C ALA C 214 -15.72 18.38 17.63
N ALA C 215 -16.49 17.71 18.48
CA ALA C 215 -17.14 16.44 18.16
C ALA C 215 -18.60 16.68 17.78
N SER C 216 -19.09 15.85 16.86
CA SER C 216 -20.44 16.05 16.32
C SER C 216 -20.85 14.82 15.53
N TYR C 217 -22.15 14.72 15.26
CA TYR C 217 -22.68 13.64 14.44
C TYR C 217 -23.91 14.13 13.71
N PRO C 218 -24.25 13.50 12.58
CA PRO C 218 -25.42 13.96 11.81
C PRO C 218 -26.71 13.42 12.40
N THR C 219 -27.77 14.21 12.25
CA THR C 219 -29.11 13.79 12.63
C THR C 219 -29.74 13.06 11.44
N VAL C 220 -30.10 11.81 11.64
CA VAL C 220 -30.70 11.01 10.59
C VAL C 220 -32.12 10.66 11.05
N ALA D 1 32.32 -7.25 -4.30
CA ALA D 1 32.02 -6.91 -2.89
C ALA D 1 31.55 -8.17 -2.17
N PRO D 2 31.51 -8.12 -0.84
CA PRO D 2 30.85 -9.20 -0.09
C PRO D 2 29.40 -9.26 -0.46
N ARG D 3 28.75 -10.37 -0.14
CA ARG D 3 27.32 -10.42 -0.48
C ARG D 3 26.46 -9.67 0.53
N SER D 4 27.00 -9.35 1.72
N SER D 4 27.02 -9.34 1.70
CA SER D 4 26.30 -8.52 2.68
CA SER D 4 26.32 -8.56 2.72
C SER D 4 27.34 -7.77 3.53
C SER D 4 27.35 -7.76 3.52
N VAL D 5 26.92 -6.59 3.99
CA VAL D 5 27.72 -5.71 4.83
C VAL D 5 26.81 -5.11 5.88
N ASP D 6 27.31 -4.95 7.11
CA ASP D 6 26.58 -4.21 8.14
C ASP D 6 27.63 -3.58 9.05
N TRP D 7 27.93 -2.32 8.80
CA TRP D 7 28.97 -1.62 9.53
C TRP D 7 28.62 -1.35 10.99
N ARG D 8 27.36 -1.51 11.38
CA ARG D 8 27.01 -1.39 12.78
C ARG D 8 27.73 -2.44 13.61
N GLU D 9 27.93 -3.63 13.03
CA GLU D 9 28.56 -4.72 13.76
C GLU D 9 30.05 -4.50 13.98
N LYS D 10 30.64 -3.57 13.23
CA LYS D 10 32.05 -3.27 13.30
C LYS D 10 32.35 -2.04 14.14
N GLY D 11 31.31 -1.40 14.69
CA GLY D 11 31.50 -0.26 15.58
C GLY D 11 31.55 1.09 14.90
N TYR D 12 31.12 1.18 13.65
CA TYR D 12 31.22 2.40 12.85
C TYR D 12 30.06 3.37 13.03
N VAL D 13 29.00 2.99 13.74
CA VAL D 13 27.70 3.67 13.61
C VAL D 13 27.15 4.03 14.98
N THR D 14 26.81 5.30 15.17
CA THR D 14 26.18 5.75 16.41
C THR D 14 24.70 5.35 16.42
N PRO D 15 24.03 5.42 17.57
CA PRO D 15 22.58 5.23 17.59
C PRO D 15 21.84 6.21 16.69
N VAL D 16 20.59 5.83 16.40
CA VAL D 16 19.71 6.68 15.61
C VAL D 16 19.39 7.95 16.37
N LYS D 17 19.39 9.07 15.63
CA LYS D 17 19.15 10.41 16.14
C LYS D 17 17.83 10.90 15.55
N ASN D 18 17.41 12.09 15.95
CA ASN D 18 16.15 12.65 15.48
C ASN D 18 16.36 14.13 15.16
N GLN D 19 16.20 14.48 13.89
CA GLN D 19 16.38 15.85 13.46
C GLN D 19 15.23 16.75 13.87
N GLY D 20 14.12 16.17 14.34
CA GLY D 20 13.01 17.02 14.73
C GLY D 20 12.30 17.61 13.52
N GLN D 21 11.75 18.82 13.70
CA GLN D 21 11.07 19.54 12.62
C GLN D 21 11.96 20.59 11.98
N CYS D 22 13.20 20.21 11.72
CA CYS D 22 14.21 21.06 11.08
C CYS D 22 14.67 20.32 9.84
N GLY D 23 14.87 21.06 8.74
CA GLY D 23 15.29 20.46 7.49
C GLY D 23 16.78 20.18 7.45
N SER D 24 17.27 19.46 8.44
CA SER D 24 18.71 19.28 8.65
C SER D 24 19.17 17.85 8.36
N CYS D 25 18.40 17.10 7.58
CA CYS D 25 18.77 15.73 7.27
C CYS D 25 20.18 15.65 6.73
N TRP D 26 20.57 16.62 5.92
CA TRP D 26 21.89 16.66 5.33
C TRP D 26 22.98 16.65 6.39
N ALA D 27 22.72 17.30 7.52
CA ALA D 27 23.70 17.35 8.59
C ALA D 27 23.83 16.00 9.28
N PHE D 28 22.70 15.30 9.48
CA PHE D 28 22.75 13.98 10.10
C PHE D 28 23.40 12.96 9.17
N SER D 29 23.14 13.06 7.88
CA SER D 29 23.83 12.20 6.93
C SER D 29 25.33 12.44 6.97
N ALA D 30 25.74 13.70 7.04
CA ALA D 30 27.15 14.05 7.03
C ALA D 30 27.84 13.61 8.31
N THR D 31 27.23 13.87 9.46
CA THR D 31 27.88 13.42 10.70
C THR D 31 27.98 11.90 10.72
N GLY D 32 26.96 11.21 10.20
CA GLY D 32 27.04 9.76 10.14
C GLY D 32 28.24 9.27 9.35
N ALA D 33 28.45 9.85 8.17
CA ALA D 33 29.55 9.41 7.34
C ALA D 33 30.88 9.76 7.99
N LEU D 34 30.95 10.94 8.62
CA LEU D 34 32.19 11.35 9.28
C LEU D 34 32.44 10.53 10.54
N GLU D 35 31.38 10.17 11.27
CA GLU D 35 31.53 9.26 12.41
C GLU D 35 32.17 7.96 11.97
N GLY D 36 31.70 7.40 10.84
CA GLY D 36 32.26 6.17 10.32
C GLY D 36 33.73 6.30 9.94
N GLN D 37 34.08 7.38 9.22
CA GLN D 37 35.46 7.53 8.74
C GLN D 37 36.40 7.87 9.89
N MET D 38 35.94 8.68 10.84
CA MET D 38 36.76 8.94 12.03
C MET D 38 36.99 7.65 12.80
N PHE D 39 35.99 6.77 12.88
CA PHE D 39 36.22 5.49 13.55
C PHE D 39 37.24 4.65 12.79
N ARG D 40 37.13 4.60 11.47
CA ARG D 40 38.09 3.84 10.69
C ARG D 40 39.50 4.33 10.93
N LYS D 41 39.65 5.64 11.15
CA LYS D 41 40.98 6.23 11.30
C LYS D 41 41.55 6.03 12.70
N THR D 42 40.72 6.16 13.74
CA THR D 42 41.19 6.19 15.10
C THR D 42 40.79 4.99 15.94
N GLY D 43 39.79 4.24 15.51
CA GLY D 43 39.23 3.18 16.32
C GLY D 43 38.33 3.67 17.44
N ARG D 44 37.98 4.94 17.44
CA ARG D 44 37.07 5.48 18.45
C ARG D 44 35.85 6.07 17.76
N LEU D 45 34.68 5.68 18.25
CA LEU D 45 33.40 6.19 17.77
C LEU D 45 32.94 7.34 18.67
N ILE D 46 32.82 8.54 18.09
CA ILE D 46 32.40 9.72 18.83
C ILE D 46 31.26 10.40 18.06
N SER D 47 30.11 10.54 18.71
CA SER D 47 28.98 11.23 18.10
C SER D 47 29.31 12.68 17.82
N LEU D 48 28.99 13.15 16.61
CA LEU D 48 29.33 14.48 16.14
C LEU D 48 28.13 15.42 16.07
N SER D 49 28.44 16.73 16.06
CA SER D 49 27.46 17.79 16.27
C SER D 49 26.80 18.21 14.96
N GLU D 50 25.54 17.81 14.78
CA GLU D 50 24.75 18.33 13.67
C GLU D 50 24.49 19.82 13.84
N GLN D 51 24.29 20.29 15.07
CA GLN D 51 24.02 21.69 15.29
C GLN D 51 25.18 22.56 14.80
N ASN D 52 26.41 22.07 15.01
CA ASN D 52 27.60 22.75 14.49
C ASN D 52 27.48 22.98 12.99
N LEU D 53 27.05 21.96 12.25
CA LEU D 53 26.89 22.09 10.81
C LEU D 53 25.74 23.04 10.48
N VAL D 54 24.60 22.88 11.16
CA VAL D 54 23.43 23.76 10.92
C VAL D 54 23.79 25.23 11.10
N ASP D 55 24.48 25.56 12.21
CA ASP D 55 24.77 26.94 12.57
C ASP D 55 25.91 27.55 11.75
N CYS D 56 26.86 26.74 11.27
CA CYS D 56 28.16 27.25 10.85
C CYS D 56 28.51 27.04 9.38
N SER D 57 27.83 26.15 8.64
CA SER D 57 28.28 25.79 7.30
C SER D 57 27.55 26.58 6.19
N GLY D 58 26.92 27.69 6.53
CA GLY D 58 26.36 28.55 5.51
C GLY D 58 27.35 29.03 4.46
N PRO D 59 28.58 29.35 4.85
CA PRO D 59 29.53 29.83 3.83
C PRO D 59 29.83 28.80 2.76
N GLN D 60 29.70 27.51 3.06
CA GLN D 60 29.90 26.46 2.09
C GLN D 60 28.63 26.17 1.29
N GLY D 61 27.54 26.86 1.58
CA GLY D 61 26.33 26.74 0.77
C GLY D 61 25.15 26.16 1.48
N ASN D 62 25.28 25.74 2.73
CA ASN D 62 24.14 25.17 3.44
C ASN D 62 23.22 26.25 3.97
N GLU D 63 21.98 25.86 4.22
CA GLU D 63 20.94 26.81 4.63
C GLU D 63 20.23 26.33 5.89
N GLY D 64 20.96 25.71 6.82
CA GLY D 64 20.38 25.44 8.13
C GLY D 64 19.20 24.50 8.06
N CYS D 65 18.12 24.88 8.74
CA CYS D 65 16.89 24.08 8.74
C CYS D 65 16.14 24.17 7.42
N ASN D 66 16.63 24.95 6.46
CA ASN D 66 16.00 25.08 5.16
C ASN D 66 16.68 24.23 4.10
N GLY D 67 17.62 23.40 4.49
CA GLY D 67 18.24 22.46 3.57
C GLY D 67 19.74 22.65 3.46
N GLY D 68 20.35 21.68 2.81
CA GLY D 68 21.79 21.64 2.69
C GLY D 68 22.18 20.41 1.93
N LEU D 69 23.49 20.23 1.81
CA LEU D 69 24.09 19.09 1.13
C LEU D 69 25.22 18.55 1.99
N MET D 70 25.35 17.22 1.98
CA MET D 70 26.42 16.58 2.74
C MET D 70 27.80 17.03 2.24
N ASP D 71 27.94 17.24 0.93
CA ASP D 71 29.27 17.62 0.42
C ASP D 71 29.65 19.00 0.93
N TYR D 72 28.67 19.90 1.06
CA TYR D 72 28.92 21.21 1.66
C TYR D 72 29.32 21.07 3.11
N ALA D 73 28.72 20.13 3.83
CA ALA D 73 29.12 19.90 5.22
C ALA D 73 30.55 19.37 5.30
N PHE D 74 30.91 18.42 4.42
CA PHE D 74 32.29 17.94 4.43
C PHE D 74 33.25 19.07 4.08
N GLN D 75 32.84 19.98 3.17
CA GLN D 75 33.69 21.11 2.82
C GLN D 75 33.88 22.05 4.01
N TYR D 76 32.83 22.25 4.81
CA TYR D 76 32.95 23.08 5.99
C TYR D 76 33.96 22.49 6.98
N VAL D 77 33.87 21.19 7.24
CA VAL D 77 34.78 20.59 8.20
C VAL D 77 36.22 20.78 7.72
N GLN D 78 36.46 20.67 6.42
CA GLN D 78 37.80 20.92 5.90
C GLN D 78 38.21 22.39 6.06
N ASP D 79 37.35 23.31 5.59
CA ASP D 79 37.65 24.73 5.68
C ASP D 79 37.89 25.15 7.13
N ASN D 80 37.08 24.61 8.05
CA ASN D 80 37.06 25.04 9.44
C ASN D 80 38.17 24.39 10.25
N GLY D 81 38.75 23.31 9.76
CA GLY D 81 39.73 22.59 10.54
C GLY D 81 39.15 21.80 11.70
N GLY D 82 37.86 21.46 11.66
CA GLY D 82 37.31 20.69 12.76
C GLY D 82 35.80 20.70 12.79
N LEU D 83 35.29 19.86 13.69
CA LEU D 83 33.86 19.72 13.98
C LEU D 83 33.71 19.26 15.42
N ASP D 84 32.84 19.92 16.19
CA ASP D 84 32.69 19.63 17.62
C ASP D 84 31.90 18.36 17.84
N SER D 85 32.07 17.79 19.03
CA SER D 85 31.34 16.59 19.40
C SER D 85 29.88 16.94 19.67
N GLU D 86 29.01 15.94 19.49
CA GLU D 86 27.62 16.06 19.88
C GLU D 86 27.49 16.55 21.33
N GLU D 87 28.27 15.95 22.24
CA GLU D 87 28.15 16.27 23.66
C GLU D 87 28.47 17.74 23.92
N SER D 88 29.49 18.28 23.25
CA SER D 88 29.89 19.66 23.49
C SER D 88 28.99 20.67 22.81
N TYR D 89 28.27 20.26 21.77
CA TYR D 89 27.52 21.18 20.91
C TYR D 89 26.22 20.47 20.53
N PRO D 90 25.30 20.34 21.48
CA PRO D 90 24.17 19.43 21.29
C PRO D 90 23.15 20.00 20.34
N TYR D 91 22.25 19.12 19.92
CA TYR D 91 21.31 19.44 18.85
C TYR D 91 20.06 20.10 19.42
N GLU D 92 19.69 21.24 18.82
CA GLU D 92 18.56 22.06 19.25
C GLU D 92 17.43 22.18 18.22
N ALA D 93 17.65 21.73 16.99
CA ALA D 93 16.61 21.67 15.96
C ALA D 93 16.10 23.06 15.54
N THR D 94 16.94 24.08 15.64
CA THR D 94 16.62 25.40 15.12
C THR D 94 17.93 26.11 14.81
N GLU D 95 17.92 26.98 13.81
CA GLU D 95 19.17 27.62 13.43
C GLU D 95 19.51 28.72 14.44
N GLU D 96 20.79 28.79 14.80
CA GLU D 96 21.31 29.81 15.69
C GLU D 96 22.67 30.23 15.16
N SER D 97 23.25 31.25 15.79
CA SER D 97 24.58 31.68 15.38
C SER D 97 25.61 30.60 15.69
N CYS D 98 26.74 30.67 14.98
N CYS D 98 26.73 30.68 14.98
CA CYS D 98 27.76 29.62 15.11
CA CYS D 98 27.81 29.71 15.13
C CYS D 98 28.49 29.74 16.44
C CYS D 98 28.39 29.79 16.53
N LYS D 99 28.57 28.60 17.15
N LYS D 99 28.61 28.62 17.14
CA LYS D 99 29.23 28.51 18.46
CA LYS D 99 29.23 28.49 18.46
C LYS D 99 30.41 27.55 18.43
C LYS D 99 30.36 27.47 18.41
N TYR D 100 30.97 27.28 17.25
CA TYR D 100 32.09 26.36 17.15
C TYR D 100 33.21 26.71 18.12
N ASN D 101 33.75 25.69 18.76
CA ASN D 101 34.86 25.83 19.70
C ASN D 101 35.94 24.79 19.36
N PRO D 102 37.13 25.21 18.93
CA PRO D 102 38.13 24.21 18.54
C PRO D 102 38.55 23.34 19.70
N LYS D 103 38.30 23.77 20.93
N LYS D 103 38.30 23.77 20.93
CA LYS D 103 38.67 22.97 22.10
CA LYS D 103 38.68 22.97 22.10
C LYS D 103 37.93 21.64 22.14
C LYS D 103 37.93 21.64 22.12
N TYR D 104 36.73 21.60 21.57
CA TYR D 104 35.91 20.39 21.59
C TYR D 104 35.80 19.74 20.21
N SER D 105 36.67 20.11 19.28
CA SER D 105 36.74 19.43 18.00
C SER D 105 37.26 18.01 18.18
N VAL D 106 36.57 17.06 17.55
CA VAL D 106 36.96 15.66 17.58
C VAL D 106 37.06 15.04 16.20
N ALA D 107 36.82 15.82 15.14
CA ALA D 107 36.82 15.26 13.80
C ALA D 107 37.38 16.29 12.84
N ASN D 108 37.87 15.79 11.70
CA ASN D 108 38.44 16.58 10.64
C ASN D 108 38.25 15.83 9.33
N ASP D 109 38.29 16.55 8.22
CA ASP D 109 38.38 15.88 6.93
C ASP D 109 39.14 16.78 5.96
N ALA D 110 39.59 16.15 4.89
CA ALA D 110 40.40 16.81 3.88
C ALA D 110 39.68 16.81 2.54
N GLY D 111 38.37 16.96 2.57
CA GLY D 111 37.57 16.96 1.37
C GLY D 111 36.64 15.77 1.35
N PHE D 112 36.23 15.38 0.15
CA PHE D 112 35.21 14.35 0.01
C PHE D 112 35.34 13.73 -1.37
N VAL D 113 34.71 12.57 -1.51
CA VAL D 113 34.70 11.79 -2.74
C VAL D 113 33.25 11.60 -3.15
N ASP D 114 32.93 11.97 -4.38
CA ASP D 114 31.61 11.69 -4.97
C ASP D 114 31.67 10.37 -5.73
N ILE D 115 30.74 9.48 -5.43
CA ILE D 115 30.73 8.13 -6.00
C ILE D 115 30.04 8.13 -7.35
N PRO D 116 30.55 7.41 -8.35
CA PRO D 116 29.84 7.32 -9.63
C PRO D 116 28.38 6.94 -9.41
N LYS D 117 27.53 7.43 -10.32
CA LYS D 117 26.08 7.37 -10.12
C LYS D 117 25.50 6.05 -10.61
N GLN D 118 25.92 4.97 -9.95
CA GLN D 118 25.24 3.71 -10.15
C GLN D 118 25.53 2.79 -8.96
N GLU D 119 24.70 1.77 -8.84
CA GLU D 119 24.65 0.99 -7.61
C GLU D 119 25.80 0.01 -7.47
N LYS D 120 26.42 -0.40 -8.56
CA LYS D 120 27.63 -1.21 -8.43
C LYS D 120 28.73 -0.42 -7.77
N ALA D 121 28.90 0.85 -8.17
CA ALA D 121 29.90 1.69 -7.54
C ALA D 121 29.53 2.00 -6.09
N LEU D 122 28.24 2.22 -5.82
CA LEU D 122 27.84 2.48 -4.45
C LEU D 122 28.15 1.26 -3.58
N MET D 123 27.89 0.05 -4.08
CA MET D 123 28.15 -1.15 -3.30
C MET D 123 29.64 -1.30 -3.01
N LYS D 124 30.48 -1.04 -4.01
CA LYS D 124 31.92 -1.11 -3.79
C LYS D 124 32.36 -0.12 -2.71
N ALA D 125 31.80 1.09 -2.73
CA ALA D 125 32.15 2.09 -1.74
C ALA D 125 31.71 1.67 -0.35
N VAL D 126 30.48 1.17 -0.22
CA VAL D 126 30.02 0.73 1.09
C VAL D 126 30.91 -0.40 1.60
N ALA D 127 31.26 -1.34 0.73
CA ALA D 127 32.03 -2.50 1.17
C ALA D 127 33.46 -2.13 1.55
N THR D 128 34.05 -1.11 0.91
CA THR D 128 35.47 -0.84 1.12
C THR D 128 35.77 0.38 1.95
N VAL D 129 34.82 1.29 2.11
CA VAL D 129 35.04 2.58 2.75
C VAL D 129 34.39 2.64 4.13
N GLY D 130 33.11 2.31 4.21
CA GLY D 130 32.33 2.52 5.40
C GLY D 130 30.95 3.01 5.04
N PRO D 131 30.22 3.51 6.03
CA PRO D 131 28.93 4.15 5.75
C PRO D 131 29.07 5.32 4.78
N ILE D 132 28.07 5.45 3.91
CA ILE D 132 28.09 6.39 2.78
C ILE D 132 26.89 7.33 2.87
N SER D 133 27.15 8.61 2.71
CA SER D 133 26.08 9.61 2.64
C SER D 133 25.37 9.50 1.30
N VAL D 134 24.03 9.46 1.33
CA VAL D 134 23.24 9.35 0.11
C VAL D 134 22.00 10.23 0.20
N ALA D 135 21.51 10.63 -0.96
CA ALA D 135 20.24 11.34 -1.09
C ALA D 135 19.21 10.39 -1.70
N ILE D 136 17.98 10.45 -1.18
CA ILE D 136 16.89 9.62 -1.70
C ILE D 136 15.62 10.46 -1.89
N ASP D 137 14.76 9.96 -2.76
CA ASP D 137 13.36 10.40 -2.85
C ASP D 137 12.58 9.74 -1.71
N ALA D 138 12.36 10.50 -0.64
CA ALA D 138 11.57 10.08 0.50
C ALA D 138 10.19 10.71 0.51
N GLY D 139 9.81 11.39 -0.57
CA GLY D 139 8.61 12.21 -0.62
C GLY D 139 7.33 11.46 -0.93
N HIS D 140 7.07 10.38 -0.19
CA HIS D 140 5.86 9.60 -0.35
C HIS D 140 5.37 9.15 1.01
N GLU D 141 4.05 9.07 1.14
CA GLU D 141 3.44 8.56 2.36
C GLU D 141 3.97 7.18 2.71
N SER D 142 4.27 6.35 1.71
CA SER D 142 4.76 5.00 1.97
C SER D 142 6.06 5.02 2.76
N PHE D 143 6.89 6.06 2.57
CA PHE D 143 8.14 6.15 3.31
C PHE D 143 7.87 6.59 4.75
N LEU D 144 6.93 7.51 4.94
CA LEU D 144 6.56 7.92 6.29
C LEU D 144 6.09 6.74 7.11
N PHE D 145 5.30 5.84 6.50
CA PHE D 145 4.59 4.77 7.21
C PHE D 145 5.36 3.44 7.19
N TYR D 146 6.57 3.44 6.62
CA TYR D 146 7.36 2.22 6.49
C TYR D 146 7.59 1.55 7.84
N LYS D 147 7.36 0.22 7.90
CA LYS D 147 7.49 -0.57 9.12
C LYS D 147 8.59 -1.62 9.02
N GLU D 148 8.61 -2.40 7.94
N GLU D 148 8.65 -2.36 7.92
CA GLU D 148 9.55 -3.50 7.80
CA GLU D 148 9.58 -3.47 7.78
C GLU D 148 9.65 -3.85 6.32
C GLU D 148 9.64 -3.87 6.31
N GLY D 149 10.59 -4.75 6.01
CA GLY D 149 10.72 -5.29 4.67
C GLY D 149 11.56 -4.39 3.80
N ILE D 150 11.59 -4.71 2.50
CA ILE D 150 12.36 -3.94 1.55
C ILE D 150 11.45 -2.92 0.88
N TYR D 151 11.76 -1.65 1.11
CA TYR D 151 10.97 -0.53 0.60
C TYR D 151 11.10 -0.44 -0.91
N PHE D 152 9.95 -0.47 -1.60
CA PHE D 152 9.87 -0.25 -3.03
C PHE D 152 8.62 0.59 -3.28
N GLU D 153 8.81 1.77 -3.85
CA GLU D 153 7.71 2.71 -4.11
C GLU D 153 7.61 2.91 -5.61
N PRO D 154 6.53 2.49 -6.26
CA PRO D 154 6.42 2.67 -7.73
C PRO D 154 6.68 4.07 -8.22
N ASP D 155 6.32 5.09 -7.44
CA ASP D 155 6.48 6.47 -7.90
C ASP D 155 7.79 7.09 -7.47
N CYS D 156 8.74 6.29 -6.99
CA CYS D 156 10.03 6.83 -6.57
C CYS D 156 10.80 7.34 -7.77
N SER D 157 11.47 8.48 -7.59
CA SER D 157 12.30 9.11 -8.61
C SER D 157 13.78 8.83 -8.37
N SER D 158 14.50 8.63 -9.45
N SER D 158 14.51 8.61 -9.46
CA SER D 158 15.95 8.50 -9.42
CA SER D 158 15.96 8.50 -9.39
C SER D 158 16.66 9.82 -9.63
C SER D 158 16.66 9.82 -9.65
N GLU D 159 15.93 10.91 -9.87
CA GLU D 159 16.52 12.21 -10.14
C GLU D 159 16.16 13.29 -9.13
N ASP D 160 15.00 13.22 -8.49
CA ASP D 160 14.52 14.29 -7.62
C ASP D 160 14.52 13.77 -6.19
N MET D 161 15.71 13.70 -5.61
CA MET D 161 15.86 13.31 -4.22
C MET D 161 15.63 14.51 -3.32
N ASP D 162 15.05 14.27 -2.15
CA ASP D 162 14.73 15.34 -1.21
C ASP D 162 15.20 15.08 0.21
N HIS D 163 15.92 14.00 0.47
CA HIS D 163 16.23 13.60 1.84
C HIS D 163 17.57 12.89 1.92
N GLY D 164 18.43 13.37 2.83
CA GLY D 164 19.73 12.78 3.03
C GLY D 164 19.73 11.77 4.16
N VAL D 165 20.36 10.62 3.90
CA VAL D 165 20.38 9.49 4.83
C VAL D 165 21.76 8.84 4.71
N LEU D 166 21.95 7.68 5.35
CA LEU D 166 23.26 7.06 5.50
C LEU D 166 23.12 5.57 5.21
N VAL D 167 23.85 5.09 4.21
CA VAL D 167 23.88 3.67 3.90
C VAL D 167 24.95 3.04 4.79
N VAL D 168 24.54 2.10 5.66
CA VAL D 168 25.46 1.42 6.56
C VAL D 168 25.72 -0.01 6.16
N GLY D 169 25.12 -0.48 5.07
CA GLY D 169 25.37 -1.82 4.59
C GLY D 169 24.35 -2.20 3.53
N TYR D 170 24.30 -3.50 3.26
CA TYR D 170 23.40 -4.06 2.27
C TYR D 170 23.33 -5.57 2.46
N GLY D 171 22.36 -6.19 1.81
CA GLY D 171 22.24 -7.63 1.87
C GLY D 171 21.05 -8.10 1.07
N PHE D 172 20.50 -9.24 1.47
CA PHE D 172 19.40 -9.87 0.76
C PHE D 172 18.53 -10.64 1.75
N GLU D 173 17.23 -10.67 1.44
CA GLU D 173 16.22 -11.48 2.11
C GLU D 173 15.88 -12.70 1.24
N SER D 174 15.30 -13.71 1.87
CA SER D 174 14.87 -14.91 1.17
C SER D 174 16.06 -15.65 0.58
N THR D 175 15.76 -16.55 -0.36
CA THR D 175 16.79 -17.27 -1.11
C THR D 175 17.55 -16.31 -2.00
N GLU D 176 18.89 -16.44 -2.00
CA GLU D 176 19.75 -15.53 -2.74
C GLU D 176 19.34 -15.42 -4.20
N SER D 177 18.89 -16.52 -4.82
CA SER D 177 18.58 -16.51 -6.24
C SER D 177 17.33 -15.70 -6.57
N ASP D 178 16.54 -15.31 -5.57
CA ASP D 178 15.41 -14.44 -5.81
C ASP D 178 15.81 -13.00 -6.06
N ASN D 179 17.08 -12.63 -5.80
CA ASN D 179 17.56 -11.26 -6.00
C ASN D 179 16.72 -10.26 -5.22
N ASN D 180 16.36 -10.64 -4.00
CA ASN D 180 15.57 -9.83 -3.08
C ASN D 180 16.52 -9.00 -2.21
N LYS D 181 17.12 -7.99 -2.85
CA LYS D 181 18.27 -7.29 -2.31
C LYS D 181 17.90 -5.92 -1.75
N TYR D 182 18.68 -5.46 -0.78
CA TYR D 182 18.39 -4.19 -0.15
C TYR D 182 19.66 -3.45 0.26
N TRP D 183 19.52 -2.12 0.34
CA TRP D 183 20.44 -1.25 1.05
C TRP D 183 19.96 -1.08 2.48
N LEU D 184 20.88 -1.15 3.44
CA LEU D 184 20.53 -0.93 4.85
C LEU D 184 20.80 0.54 5.17
N VAL D 185 19.76 1.27 5.53
CA VAL D 185 19.80 2.73 5.57
C VAL D 185 19.40 3.23 6.96
N LYS D 186 20.26 4.07 7.53
CA LYS D 186 20.01 4.76 8.79
C LYS D 186 19.35 6.10 8.48
N ASN D 187 18.17 6.33 9.07
CA ASN D 187 17.46 7.60 8.94
C ASN D 187 17.69 8.42 10.22
N SER D 188 17.20 9.64 10.21
CA SER D 188 17.34 10.57 11.32
C SER D 188 15.98 11.08 11.80
N TRP D 189 15.00 10.18 11.85
CA TRP D 189 13.66 10.51 12.33
C TRP D 189 13.33 9.79 13.63
N GLY D 190 14.34 9.40 14.41
CA GLY D 190 14.09 8.73 15.67
C GLY D 190 13.90 7.24 15.47
N GLU D 191 13.99 6.51 16.58
CA GLU D 191 13.93 5.06 16.47
C GLU D 191 12.49 4.55 16.40
N GLU D 192 11.50 5.42 16.57
CA GLU D 192 10.10 5.02 16.44
C GLU D 192 9.66 4.93 14.98
N TRP D 193 10.40 5.54 14.07
CA TRP D 193 10.17 5.40 12.64
C TRP D 193 10.79 4.12 12.09
N GLY D 194 10.10 3.50 11.14
CA GLY D 194 10.69 2.35 10.46
C GLY D 194 11.08 1.23 11.39
N MET D 195 12.23 0.62 11.10
N MET D 195 12.20 0.57 11.06
CA MET D 195 12.73 -0.54 11.82
CA MET D 195 12.72 -0.56 11.83
C MET D 195 13.79 -0.05 12.80
C MET D 195 13.78 -0.02 12.78
N GLY D 196 13.34 0.42 13.95
CA GLY D 196 14.26 1.03 14.91
C GLY D 196 14.96 2.23 14.32
N GLY D 197 14.30 2.94 13.39
CA GLY D 197 14.90 4.09 12.74
C GLY D 197 15.64 3.79 11.46
N TYR D 198 15.68 2.53 11.04
CA TYR D 198 16.35 2.05 9.85
C TYR D 198 15.33 1.66 8.79
N VAL D 199 15.77 1.63 7.56
CA VAL D 199 14.95 1.15 6.45
C VAL D 199 15.82 0.34 5.49
N LYS D 200 15.26 -0.76 5.00
CA LYS D 200 15.86 -1.52 3.94
C LYS D 200 15.28 -1.02 2.62
N MET D 201 16.14 -0.54 1.74
N MET D 201 16.15 -0.50 1.75
CA MET D 201 15.68 0.08 0.51
CA MET D 201 15.75 0.12 0.50
C MET D 201 16.07 -0.75 -0.70
C MET D 201 16.07 -0.78 -0.68
N ALA D 202 15.17 -0.80 -1.67
CA ALA D 202 15.37 -1.63 -2.85
C ALA D 202 16.73 -1.43 -3.51
N LYS D 203 17.41 -2.55 -3.77
CA LYS D 203 18.75 -2.50 -4.34
C LYS D 203 18.79 -3.22 -5.67
N ASP D 204 19.55 -2.64 -6.60
CA ASP D 204 19.76 -3.20 -7.94
C ASP D 204 18.46 -3.27 -8.72
N ARG D 205 17.65 -2.23 -8.57
CA ARG D 205 16.49 -1.99 -9.43
C ARG D 205 16.66 -0.65 -10.14
N ARG D 206 17.80 -0.49 -10.79
CA ARG D 206 18.13 0.72 -11.56
C ARG D 206 17.96 1.97 -10.71
N ASN D 207 18.65 1.98 -9.56
CA ASN D 207 18.83 3.17 -8.74
C ASN D 207 17.48 3.67 -8.21
N HIS D 208 16.77 2.75 -7.55
CA HIS D 208 15.45 3.05 -7.00
C HIS D 208 15.55 4.17 -5.97
N CYS D 209 14.68 5.16 -6.12
CA CYS D 209 14.61 6.34 -5.26
C CYS D 209 15.89 7.18 -5.31
N GLY D 210 16.74 6.97 -6.31
CA GLY D 210 17.91 7.81 -6.49
C GLY D 210 19.07 7.59 -5.53
N ILE D 211 19.11 6.44 -4.86
CA ILE D 211 20.05 6.23 -3.75
C ILE D 211 21.50 6.32 -4.21
N ALA D 212 21.78 6.02 -5.47
CA ALA D 212 23.13 6.17 -6.03
C ALA D 212 23.36 7.49 -6.76
N SER D 213 22.39 8.39 -6.77
CA SER D 213 22.47 9.60 -7.59
C SER D 213 23.33 10.68 -6.97
N ALA D 214 23.52 10.68 -5.65
CA ALA D 214 24.26 11.75 -4.98
C ALA D 214 24.93 11.19 -3.73
N ALA D 215 25.74 10.15 -3.92
CA ALA D 215 26.40 9.44 -2.83
C ALA D 215 27.82 9.97 -2.66
N SER D 216 28.27 10.11 -1.41
CA SER D 216 29.60 10.63 -1.15
C SER D 216 30.04 10.27 0.26
N TYR D 217 31.33 10.45 0.51
CA TYR D 217 31.89 10.28 1.85
C TYR D 217 33.07 11.23 2.03
N PRO D 218 33.39 11.58 3.28
CA PRO D 218 34.52 12.46 3.54
C PRO D 218 35.85 11.73 3.53
N THR D 219 36.90 12.44 3.16
N THR D 219 36.88 12.46 3.14
CA THR D 219 38.26 11.93 3.17
CA THR D 219 38.27 11.98 3.18
C THR D 219 38.93 12.39 4.47
C THR D 219 38.89 12.40 4.51
N VAL D 220 39.31 11.43 5.31
CA VAL D 220 39.94 11.75 6.58
C VAL D 220 41.40 11.32 6.61
C9 ALD E . -5.18 -33.31 10.55
O31 ALD E . -4.45 -34.24 10.27
O8 ALD E . -6.00 -32.70 9.67
C7 ALD E . -6.02 -33.26 8.33
C3 ALD E . -5.89 -32.24 7.23
C4 ALD E . -6.70 -32.34 6.10
C5 ALD E . -6.54 -31.45 5.05
C6 ALD E . -5.58 -30.47 5.10
C1 ALD E . -4.78 -30.35 6.22
C2 ALD E . -4.93 -31.24 7.28
N10 ALD E . -5.26 -32.75 11.76
C11 ALD E . -6.19 -31.67 12.07
C12 ALD E . -5.43 -30.34 12.16
O32 ALD E . -4.22 -30.32 12.36
C30 ALD E . -6.89 -31.94 13.41
C31 ALD E . -7.71 -33.24 13.47
C32 ALD E . -7.97 -33.63 14.91
C33 ALD E . -9.01 -33.10 12.69
N13 ALD E . -6.17 -29.24 12.03
C14 ALD E . -5.58 -27.90 12.05
C15 ALD E . -5.87 -27.23 13.39
O34 ALD E . -6.85 -27.54 14.05
C24 ALD E . -6.16 -27.06 10.92
C25 ALD E . -6.12 -27.72 9.55
C26 ALD E . -7.05 -27.02 8.59
C27 ALD E . -4.70 -27.75 9.02
N16 ALD E . -4.99 -26.29 13.78
C17 ALD E . -5.15 -25.52 15.02
C22 ALD E . -5.14 -24.03 14.74
C18 ALD E . -4.06 -25.91 16.01
C19 ALD E . -4.30 -27.22 16.74
C20 ALD E . -3.98 -28.41 15.85
C21 ALD E . -3.50 -27.26 18.04
O33 ALD E . -5.66 -23.29 15.84
H71 ALD E . -6.95 -33.82 8.22
H72 ALD E . -5.21 -33.98 8.27
H4 ALD E . -7.47 -33.10 6.05
H5 ALD E . -7.18 -31.54 4.17
H6 ALD E . -5.46 -29.77 4.27
H1 ALD E . -4.02 -29.58 6.27
H2 ALD E . -4.29 -31.13 8.15
HNA ALD E . -4.67 -33.07 12.53
H11 ALD E . -6.93 -31.63 11.28
H301 ALD E . -7.55 -31.10 13.64
H302 ALD E . -6.15 -31.95 14.21
H31 ALD E . -7.13 -34.03 12.98
H321 ALD E . -8.84 -34.27 15.00
H322 ALD E . -8.15 -32.75 15.53
H323 ALD E . -7.12 -34.16 15.34
H331 ALD E . -9.24 -32.07 12.45
H332 ALD E . -9.86 -33.48 13.25
H333 ALD E . -8.99 -33.64 11.75
HND ALD E . -7.17 -29.28 11.90
H14 ALD E . -4.50 -27.98 11.93
H241 ALD E . -5.63 -26.10 10.88
H242 ALD E . -7.19 -26.78 11.16
H25 ALD E . -6.47 -28.75 9.64
H261 ALD E . -7.00 -27.44 7.58
H262 ALD E . -6.81 -25.96 8.48
H263 ALD E . -8.09 -27.07 8.90
H271 ALD E . -4.09 -26.92 9.40
H272 ALD E . -4.65 -27.69 7.93
H273 ALD E . -4.17 -28.66 9.29
HNG ALD E . -4.19 -26.08 13.22
H17 ALD E . -6.13 -25.75 15.43
H221 ALD E . -4.12 -23.71 14.54
H181 ALD E . -3.92 -25.11 16.73
H182 ALD E . -3.10 -25.95 15.49
H19 ALD E . -5.35 -27.31 17.01
H201 ALD E . -3.55 -29.23 16.41
H202 ALD E . -3.28 -28.15 15.06
H203 ALD E . -4.88 -28.80 15.36
H211 ALD E . -2.89 -26.37 18.19
H212 ALD E . -2.82 -28.11 18.10
H213 ALD E . -4.13 -27.33 18.93
HOX ALD E . -5.08 -23.50 16.62
C1 PEG F . 0.99 -17.80 18.38
O1 PEG F . 1.88 -18.08 19.40
C2 PEG F . -0.33 -17.52 19.07
O2 PEG F . -1.18 -18.63 18.77
C3 PEG F . -2.10 -18.91 19.78
C4 PEG F . -2.26 -20.46 19.84
O4 PEG F . -3.44 -20.76 19.25
H11 PEG F . 1.26 -17.02 17.87
H12 PEG F . 0.89 -18.54 17.76
HO1 PEG F . 1.92 -18.92 19.46
H21 PEG F . -0.67 -16.68 18.72
H22 PEG F . -0.16 -17.41 20.01
H31 PEG F . -1.77 -18.56 20.63
H32 PEG F . -2.93 -18.47 19.59
H41 PEG F . -1.52 -20.88 19.37
H42 PEG F . -2.25 -20.77 20.75
HO4 PEG F . -3.30 -21.45 18.76
C1 PEG G . 1.52 -8.87 -10.58
O1 PEG G . 2.53 -8.96 -11.55
C2 PEG G . 0.44 -7.95 -11.13
O2 PEG G . -0.71 -8.74 -11.41
C3 PEG G . -1.93 -8.08 -11.19
C4 PEG G . -2.00 -6.81 -12.12
O4 PEG G . -1.22 -5.82 -11.55
H11 PEG G . 1.85 -8.51 -9.75
H12 PEG G . 1.13 -9.74 -10.39
HO1 PEG G . 2.66 -8.17 -11.84
H21 PEG G . 0.29 -7.26 -10.46
H22 PEG G . 0.80 -7.52 -11.93
H31 PEG G . -2.65 -8.70 -11.40
H32 PEG G . -2.00 -7.84 -10.26
H41 PEG G . -1.68 -7.02 -13.00
H42 PEG G . -2.92 -6.52 -12.21
HO4 PEG G . -1.25 -5.15 -12.09
C9 ALD H . -5.27 -14.00 -17.75
O31 ALD H . -5.92 -14.49 -16.86
O8 ALD H . -5.00 -12.68 -17.87
C7 ALD H . -5.65 -11.82 -16.89
C3 ALD H . -4.77 -10.68 -16.47
C4 ALD H . -3.66 -10.90 -15.66
C5 ALD H . -2.91 -9.82 -15.20
C6 ALD H . -3.24 -8.53 -15.56
C1 ALD H . -4.33 -8.31 -16.38
C2 ALD H . -5.08 -9.38 -16.83
N10 ALD H . -4.65 -14.68 -18.73
C11 ALD H . -3.81 -14.02 -19.70
C12 ALD H . -4.61 -13.12 -20.65
O32 ALD H . -5.83 -13.17 -20.65
C30 ALD H . -3.05 -15.08 -20.52
C31 ALD H . -2.35 -16.14 -19.67
C32 ALD H . -1.92 -17.31 -20.51
C33 ALD H . -1.18 -15.52 -18.92
N13 ALD H . -3.89 -12.31 -21.43
C14 ALD H . -4.51 -11.40 -22.36
C15 ALD H . -4.16 -11.83 -23.78
O34 ALD H . -3.16 -12.52 -23.99
C24 ALD H . -4.01 -9.97 -22.17
C25 ALD H . -4.04 -9.47 -20.74
C26 ALD H . -2.98 -8.40 -20.57
C27 ALD H . -5.41 -8.93 -20.38
N16 ALD H . -4.96 -11.39 -24.75
C17 ALD H . -4.75 -11.70 -26.16
C22 ALD H . -4.53 -10.43 -26.97
C18 ALD H . -5.91 -12.54 -26.68
C19 ALD H . -6.04 -13.89 -25.95
C20 ALD H . -7.40 -14.51 -26.18
C21 ALD H . -4.95 -14.84 -26.41
O33 ALD H . -4.20 -10.79 -28.30
H71 ALD H . -5.92 -12.44 -16.03
H72 ALD H . -6.58 -11.46 -17.32
H4 ALD H . -3.39 -11.90 -15.37
H5 ALD H . -2.05 -10.01 -14.56
H6 ALD H . -2.64 -7.70 -15.21
H1 ALD H . -4.60 -7.30 -16.67
H2 ALD H . -5.94 -9.19 -17.49
HNA ALD H . -4.76 -15.68 -18.81
H11 ALD H . -3.09 -13.41 -19.15
H301 ALD H . -2.32 -14.58 -21.15
H302 ALD H . -3.74 -15.57 -21.20
H31 ALD H . -3.04 -16.52 -18.92
H321 ALD H . -1.35 -18.05 -19.93
H322 ALD H . -1.27 -17.01 -21.33
H323 ALD H . -2.76 -17.84 -20.94
H331 ALD H . -0.52 -14.97 -19.58
H332 ALD H . -0.57 -16.28 -18.42
H333 ALD H . -1.51 -14.82 -18.15
HND ALD H . -2.88 -12.29 -21.39
H14 ALD H . -5.59 -11.42 -22.21
H241 ALD H . -4.58 -9.29 -22.80
H242 ALD H . -2.99 -9.90 -22.55
H25 ALD H . -3.83 -10.28 -20.05
H261 ALD H . -3.07 -7.87 -19.62
H262 ALD H . -3.02 -7.64 -21.36
H263 ALD H . -1.97 -8.81 -20.60
H271 ALD H . -5.85 -8.33 -21.19
H272 ALD H . -5.39 -8.29 -19.50
H273 ALD H . -6.13 -9.72 -20.17
HNG ALD H . -5.76 -10.81 -24.53
H17 ALD H . -3.82 -12.26 -26.25
H221 ALD H . -5.43 -9.82 -26.96
H181 ALD H . -5.80 -12.71 -27.75
H182 ALD H . -6.84 -11.99 -26.60
H19 ALD H . -5.95 -13.72 -24.88
H201 ALD H . -7.34 -15.41 -26.80
H202 ALD H . -8.09 -13.83 -26.68
H203 ALD H . -7.88 -14.80 -25.25
H211 ALD H . -5.04 -15.11 -27.47
H212 ALD H . -4.95 -15.78 -25.86
H213 ALD H . -3.95 -14.43 -26.29
HOX ALD H . -4.88 -10.36 -28.88
C1 PEG I . -6.06 -12.27 -31.75
O1 PEG I . -6.51 -13.53 -31.40
C2 PEG I . -6.91 -11.82 -32.92
O2 PEG I . -6.56 -10.49 -33.21
C3 PEG I . -7.25 -9.92 -34.29
C4 PEG I . -8.06 -8.72 -33.75
O4 PEG I . -9.36 -9.10 -33.61
H11 PEG I . -6.14 -11.64 -31.03
H12 PEG I . -5.13 -12.27 -32.02
HO1 PEG I . -6.72 -13.49 -30.57
H21 PEG I . -7.85 -11.91 -32.66
H22 PEG I . -6.75 -12.42 -33.65
H31 PEG I . -6.60 -9.65 -34.96
H32 PEG I . -7.82 -10.60 -34.67
H41 PEG I . -7.70 -8.43 -32.89
H42 PEG I . -7.99 -7.97 -34.36
HO4 PEG I . -9.75 -8.89 -34.33
C9 ALD J . -10.01 25.89 10.63
O31 ALD J . -9.59 26.92 11.09
O8 ALD J . -10.67 24.95 11.35
C7 ALD J . -10.83 25.26 12.76
C3 ALD J . -11.88 24.41 13.43
C4 ALD J . -13.17 24.87 13.59
C5 ALD J . -14.13 24.07 14.23
C6 ALD J . -13.80 22.82 14.68
C1 ALD J . -12.51 22.35 14.51
C2 ALD J . -11.56 23.13 13.89
N10 ALD J . -9.90 25.51 9.35
C11 ALD J . -10.44 24.28 8.82
C12 ALD J . -9.54 23.09 9.10
O32 ALD J . -8.39 23.26 9.53
C30 ALD J . -10.62 24.37 7.30
C31 ALD J . -11.40 25.59 6.80
C32 ALD J . -11.52 25.56 5.30
C33 ALD J . -12.77 25.65 7.46
N13 ALD J . -10.06 21.88 8.84
C14 ALD J . -9.30 20.65 9.04
C15 ALD J . -8.93 20.02 7.71
O34 ALD J . -9.67 20.10 6.75
C24 ALD J . -10.12 19.64 9.83
C25 ALD J . -10.74 20.16 11.11
C26 ALD J . -11.66 19.10 11.69
C27 ALD J . -9.65 20.54 12.11
N16 ALD J . -7.77 19.34 7.68
C17 ALD J . -7.29 18.63 6.50
C22 ALD J . -7.31 17.14 6.78
C18 ALD J . -5.90 19.16 6.14
C19 ALD J . -5.89 20.58 5.59
C20 ALD J . -4.81 21.45 6.21
C21 ALD J . -5.73 20.58 4.07
O33 ALD J . -6.90 16.39 5.64
H71 ALD J . -11.09 26.32 12.85
H72 ALD J . -9.87 25.14 13.25
H4 ALD J . -13.45 25.86 13.24
H5 ALD J . -15.14 24.46 14.35
H6 ALD J . -14.54 22.20 15.17
H1 ALD J . -12.25 21.36 14.87
H2 ALD J . -10.55 22.74 13.77
HNA ALD J . -9.42 26.11 8.68
H11 ALD J . -11.41 24.15 9.30
H301 ALD J . -11.11 23.47 6.94
H302 ALD J . -9.64 24.36 6.83
H31 ALD J . -10.87 26.50 7.08
H321 ALD J . -12.22 26.31 4.93
H322 ALD J . -11.87 24.59 4.94
H323 ALD J . -10.56 25.75 4.81
H331 ALD J . -13.30 24.70 7.39
H332 ALD J . -13.41 26.39 7.01
H333 ALD J . -12.71 25.89 8.52
HND ALD J . -11.00 21.76 8.50
H14 ALD J . -8.39 20.91 9.58
H241 ALD J . -9.51 18.76 10.05
H242 ALD J . -10.91 19.23 9.18
H25 ALD J . -11.32 21.05 10.91
H261 ALD J . -12.12 19.42 12.63
H262 ALD J . -11.14 18.16 11.91
H263 ALD J . -12.48 18.85 11.03
H271 ALD J . -9.08 19.68 12.45
H272 ALD J . -10.05 21.02 13.00
H273 ALD J . -8.92 21.24 11.69
HNG ALD J . -7.19 19.30 8.50
H17 ALD J . -7.95 18.81 5.66
H221 ALD J . -6.64 16.91 7.61
H181 ALD J . -5.41 18.48 5.44
H182 ALD J . -5.25 19.11 7.02
H19 ALD J . -6.84 21.04 5.84
H201 ALD J . -4.16 21.89 5.45
H202 ALD J . -4.18 20.89 6.89
H203 ALD J . -5.23 22.28 6.78
H211 ALD J . -5.00 19.86 3.72
H212 ALD J . -5.42 21.54 3.68
H213 ALD J . -6.67 20.33 3.56
HOX ALD J . -5.91 16.43 5.63
C1 PEG K . -29.82 -1.71 12.65
O1 PEG K . -29.66 -2.68 13.63
C2 PEG K . -31.26 -1.23 12.74
O2 PEG K . -31.96 -1.70 11.58
C3 PEG K . -33.25 -1.20 11.51
C4 PEG K . -34.16 -2.35 11.02
O4 PEG K . -33.76 -2.70 9.76
H11 PEG K . -29.22 -0.96 12.78
H12 PEG K . -29.65 -2.06 11.75
HO1 PEG K . -28.93 -2.52 14.02
H21 PEG K . -31.24 -0.26 12.80
H22 PEG K . -31.63 -1.58 13.57
H31 PEG K . -33.51 -0.87 12.38
H32 PEG K . -33.26 -0.45 10.88
H41 PEG K . -34.10 -3.10 11.63
H42 PEG K . -35.09 -2.06 11.02
HO4 PEG K . -33.33 -3.44 9.83
C9 ALD L . 18.63 21.21 -3.84
O31 ALD L . 18.21 21.68 -4.88
O8 ALD L . 19.29 20.04 -3.76
C7 ALD L . 19.46 19.33 -5.02
C3 ALD L . 20.31 18.10 -4.82
C4 ALD L . 21.68 18.14 -5.08
C5 ALD L . 22.46 17.01 -4.90
C6 ALD L . 21.90 15.84 -4.45
C1 ALD L . 20.55 15.79 -4.18
C2 ALD L . 19.76 16.91 -4.36
N10 ALD L . 18.54 21.79 -2.64
C11 ALD L . 19.12 21.20 -1.44
C12 ALD L . 18.27 20.06 -0.91
O32 ALD L . 17.18 19.80 -1.42
C30 ALD L . 19.30 22.29 -0.38
C31 ALD L . 20.00 23.56 -0.86
C32 ALD L . 19.97 24.65 0.19
C33 ALD L . 21.43 23.25 -1.27
N13 ALD L . 18.77 19.38 0.12
C14 ALD L . 18.06 18.28 0.74
C15 ALD L . 17.59 18.68 2.14
O34 ALD L . 18.29 19.41 2.85
C24 ALD L . 18.94 17.04 0.86
C25 ALD L . 19.46 16.51 -0.47
C26 ALD L . 20.65 15.60 -0.23
C27 ALD L . 18.36 15.77 -1.20
N16 ALD L . 16.42 18.19 2.53
C17 ALD L . 15.89 18.39 3.88
C22 ALD L . 16.20 17.16 4.72
C18 ALD L . 14.39 18.70 3.84
C19 ALD L . 13.96 19.69 2.75
C20 ALD L . 14.98 20.82 2.63
C21 ALD L . 13.75 18.99 1.41
O33 ALD L . 15.81 17.36 6.08
H71 ALD L . 19.91 20.00 -5.74
H72 ALD L . 18.48 19.06 -5.39
H4 ALD L . 22.14 19.06 -5.45
H5 ALD L . 23.53 17.06 -5.12
H6 ALD L . 22.51 14.96 -4.31
H1 ALD L . 20.10 14.86 -3.84
H2 ALD L . 18.69 16.86 -4.14
HNA ALD L . 18.04 22.66 -2.52
H11 ALD L . 20.11 20.83 -1.71
H301 ALD L . 19.85 21.88 0.47
H302 ALD L . 18.33 22.55 0.03
H31 ALD L . 19.47 23.93 -1.74
H321 ALD L . 20.52 25.52 -0.12
H322 ALD L . 20.40 24.31 1.14
H323 ALD L . 18.94 24.96 0.40
H331 ALD L . 22.01 22.80 -0.46
H332 ALD L . 21.98 24.14 -1.58
H333 ALD L . 21.49 22.55 -2.10
HND ALD L . 19.69 19.59 0.51
H14 ALD L . 17.19 18.05 0.13
H241 ALD L . 18.39 16.26 1.38
H242 ALD L . 19.78 17.26 1.51
H25 ALD L . 19.78 17.34 -1.10
H261 ALD L . 21.06 15.21 -1.16
H262 ALD L . 20.39 14.73 0.38
H263 ALD L . 21.46 16.11 0.28
H271 ALD L . 18.02 14.89 -0.65
H272 ALD L . 18.68 15.41 -2.19
H273 ALD L . 17.48 16.39 -1.38
HNG ALD L . 15.85 17.63 1.90
H17 ALD L . 16.41 19.24 4.33
H221 ALD L . 15.66 16.30 4.32
H181 ALD L . 14.06 19.05 4.81
H182 ALD L . 13.83 17.76 3.70
H19 ALD L . 13.02 20.14 3.04
H201 ALD L . 14.52 21.74 2.28
H202 ALD L . 15.77 20.58 1.94
H203 ALD L . 15.45 21.06 3.59
H211 ALD L . 14.00 17.93 1.45
H212 ALD L . 14.36 19.41 0.62
H213 ALD L . 12.72 19.05 1.07
HOX ALD L . 15.34 16.52 6.36
C1 PEG M . -1.70 13.89 4.82
O1 PEG M . -2.87 14.04 4.12
C2 PEG M . -1.34 12.41 4.76
O2 PEG M . -0.25 12.17 5.65
C3 PEG M . 0.97 12.74 5.23
C4 PEG M . 1.57 11.89 4.07
O4 PEG M . 2.40 12.70 3.35
H11 PEG M . -0.97 14.41 4.44
H12 PEG M . -1.79 14.16 5.75
HO1 PEG M . -2.66 14.30 3.33
H21 PEG M . -2.13 11.91 5.00
H22 PEG M . -1.12 12.20 3.83
H31 PEG M . 0.80 13.66 4.95
H32 PEG M . 1.58 12.78 5.99
H41 PEG M . 2.05 11.13 4.42
H42 PEG M . 0.85 11.55 3.50
HO4 PEG M . 3.03 12.93 3.88
C1 PEG N . 8.76 13.51 8.52
O1 PEG N . 7.74 14.38 8.20
C2 PEG N . 9.60 14.21 9.56
O2 PEG N . 10.26 15.31 8.93
C3 PEG N . 11.13 15.96 9.78
C4 PEG N . 11.34 17.42 9.25
O4 PEG N . 11.75 17.37 7.95
H11 PEG N . 8.43 12.66 8.88
H12 PEG N . 9.31 13.29 7.75
HO1 PEG N . 7.16 13.95 7.76
H21 PEG N . 10.23 13.56 9.93
H22 PEG N . 9.02 14.49 10.28
H31 PEG N . 10.75 15.96 10.66
H32 PEG N . 11.97 15.48 9.80
H41 PEG N . 10.52 17.93 9.33
H42 PEG N . 12.00 17.87 9.80
HO4 PEG N . 12.11 18.11 7.78
C1 PEG O . 16.49 18.52 19.78
O1 PEG O . 16.17 19.69 20.45
C2 PEG O . 15.17 17.91 19.35
O2 PEG O . 15.43 16.76 18.53
C3 PEG O . 14.29 16.28 17.91
C4 PEG O . 13.66 15.19 18.81
O4 PEG O . 12.32 15.13 18.50
H11 PEG O . 17.04 18.68 19.00
H12 PEG O . 16.96 17.89 20.35
HO1 PEG O . 16.13 19.50 21.27
H21 PEG O . 14.67 17.70 20.15
H22 PEG O . 14.68 18.61 18.86
H31 PEG O . 13.68 17.02 17.75
H32 PEG O . 14.54 15.92 17.04
H41 PEG O . 14.08 14.33 18.65
H42 PEG O . 13.78 15.41 19.75
HO4 PEG O . 12.11 14.31 18.47
C ACT P . 9.67 8.10 -11.54
O ACT P . 9.70 9.05 -10.74
OXT ACT P . 10.45 7.86 -12.51
CH3 ACT P . 8.55 7.03 -11.32
H1 ACT P . 7.76 7.30 -11.80
H2 ACT P . 8.35 6.98 -10.37
H3 ACT P . 8.86 6.18 -11.64
#